data_7VEJ
#
_entry.id   7VEJ
#
_cell.length_a   93.866
_cell.length_b   103.067
_cell.length_c   108.893
_cell.angle_alpha   90.000
_cell.angle_beta   90.000
_cell.angle_gamma   90.000
#
_symmetry.space_group_name_H-M   'P 21 21 21'
#
loop_
_entity.id
_entity.type
_entity.pdbx_description
1 polymer Glycosyltransferase
2 non-polymer 1,2-ETHANEDIOL
3 non-polymer 1,4,7,10,13,16-HEXAOXACYCLOOCTADECANE
4 non-polymer 'POTASSIUM ION'
5 non-polymer "URIDINE-5'-DIPHOSPHATE-2-DEOXY-2-FLUORO-ALPHA-D-GLUCOSE"
6 non-polymer 3,5,7-TRIHYDROXY-2-(4-HYDROXYPHENYL)-4H-CHROMEN-4-ONE
7 water water
#
_entity_poly.entity_id   1
_entity_poly.type   'polypeptide(L)'
_entity_poly.pdbx_seq_one_letter_code
;MNHKVHHHHHHLQENLYFQGMGAEPQQLHVVFFPIMAHGHMIPTLDIARLFAARNVRATIITTPLNAHTFTKAIEMGKKN
GSPTIHLELFKFPAQDVGLPEGCENLEQALGSSLIEKFFKGVGLLREQLEAYLEKTRPNCLVADMFFPWATDSAAKFNIP
RLVFHGTSFFSLCALEVVRLYEPHKNVSSDEELFSLPLFPHDIKMMRLQLPEDVWKHEKAEGKTRLKLIKESELKSYGVI
VNSFYELEPNYAEFFRKELGRRAWNIGPVSLCNRSTEDKAQRGKQTSIDEHECLKWLNSKKKNSVIYICFGSTAHQIAPQ
LYEIAMALEASGQEFIWVVRNNNNNDDDDDDSWLPRGFEQRVEGKGLIIRGWAPQVLILEHEAIGAFVTHCGWNSTLEGI
TAGVPMVTWPIFAEQFYNEKLVNQILKIGVPVGANKWSRETSIEDVIKKDAIEKALREIMVGDEAEERRSRAKKLKEMAW
KAVEEGGSSYSDLSALIEELRGYHA
;
_entity_poly.pdbx_strand_id   A,B
#
# COMPACT_ATOMS: atom_id res chain seq x y z
N GLN A 27 13.07 21.69 -20.40
CA GLN A 27 11.61 21.72 -20.43
C GLN A 27 11.05 20.32 -20.12
N LEU A 28 10.28 20.24 -19.03
CA LEU A 28 9.68 18.99 -18.62
C LEU A 28 8.67 18.51 -19.65
N HIS A 29 8.57 17.20 -19.83
CA HIS A 29 7.59 16.61 -20.73
C HIS A 29 6.73 15.60 -19.96
N VAL A 30 5.42 15.82 -19.97
CA VAL A 30 4.46 14.95 -19.32
C VAL A 30 3.48 14.47 -20.39
N VAL A 31 3.28 13.15 -20.44
CA VAL A 31 2.37 12.54 -21.38
C VAL A 31 1.13 12.12 -20.61
N PHE A 32 -0.04 12.40 -21.15
CA PHE A 32 -1.32 12.10 -20.53
C PHE A 32 -2.03 11.05 -21.35
N PHE A 33 -2.57 10.03 -20.69
CA PHE A 33 -3.14 8.87 -21.37
C PHE A 33 -4.47 8.54 -20.69
N PRO A 34 -5.53 9.25 -21.06
CA PRO A 34 -6.86 8.95 -20.51
C PRO A 34 -7.51 7.81 -21.27
N ILE A 35 -8.40 7.09 -20.58
CA ILE A 35 -9.28 6.16 -21.29
C ILE A 35 -10.25 6.97 -22.14
N MET A 36 -10.73 6.36 -23.23
CA MET A 36 -11.65 7.03 -24.17
C MET A 36 -13.06 7.07 -23.59
N ALA A 37 -13.24 7.95 -22.60
CA ALA A 37 -14.52 8.23 -21.97
C ALA A 37 -14.57 9.73 -21.73
N HIS A 38 -15.68 10.37 -22.11
CA HIS A 38 -15.75 11.84 -22.05
C HIS A 38 -15.40 12.35 -20.64
N GLY A 39 -15.87 11.63 -19.62
CA GLY A 39 -15.68 11.98 -18.22
C GLY A 39 -14.23 11.94 -17.76
N HIS A 40 -13.37 11.23 -18.47
CA HIS A 40 -11.94 11.30 -18.20
C HIS A 40 -11.20 12.15 -19.21
N MET A 41 -11.68 12.20 -20.46
CA MET A 41 -10.94 12.95 -21.47
C MET A 41 -10.94 14.44 -21.17
N ILE A 42 -12.09 15.00 -20.81
CA ILE A 42 -12.14 16.46 -20.65
C ILE A 42 -11.28 16.91 -19.47
N PRO A 43 -11.43 16.34 -18.27
CA PRO A 43 -10.53 16.77 -17.18
C PRO A 43 -9.06 16.48 -17.44
N THR A 44 -8.73 15.42 -18.20
CA THR A 44 -7.32 15.19 -18.53
C THR A 44 -6.78 16.32 -19.41
N LEU A 45 -7.58 16.79 -20.36
CA LEU A 45 -7.18 17.94 -21.16
C LEU A 45 -6.99 19.18 -20.29
N ASP A 46 -7.88 19.39 -19.32
CA ASP A 46 -7.72 20.53 -18.42
C ASP A 46 -6.44 20.43 -17.60
N ILE A 47 -6.08 19.21 -17.16
CA ILE A 47 -4.83 19.03 -16.44
C ILE A 47 -3.64 19.32 -17.36
N ALA A 48 -3.70 18.83 -18.59
CA ALA A 48 -2.65 19.12 -19.55
C ALA A 48 -2.49 20.61 -19.75
N ARG A 49 -3.61 21.33 -19.78
CA ARG A 49 -3.56 22.79 -19.91
C ARG A 49 -2.93 23.44 -18.68
N LEU A 50 -3.31 22.97 -17.49
CA LEU A 50 -2.72 23.48 -16.26
C LEU A 50 -1.20 23.27 -16.25
N PHE A 51 -0.75 22.11 -16.71
CA PHE A 51 0.68 21.84 -16.83
C PHE A 51 1.32 22.72 -17.90
N ALA A 52 0.66 22.91 -19.04
CA ALA A 52 1.21 23.71 -20.12
C ALA A 52 1.40 25.15 -19.70
N ALA A 53 0.52 25.65 -18.84
CA ALA A 53 0.63 27.01 -18.33
C ALA A 53 1.83 27.19 -17.39
N ARG A 54 2.42 26.09 -16.92
CA ARG A 54 3.63 26.12 -16.11
C ARG A 54 4.88 25.87 -16.95
N ASN A 55 4.79 26.03 -18.27
CA ASN A 55 5.88 25.80 -19.21
C ASN A 55 6.27 24.32 -19.28
N VAL A 56 5.31 23.42 -19.14
CA VAL A 56 5.55 21.99 -19.31
C VAL A 56 5.01 21.56 -20.67
N ARG A 57 5.81 20.82 -21.42
CA ARG A 57 5.32 20.22 -22.66
C ARG A 57 4.32 19.13 -22.32
N ALA A 58 3.12 19.22 -22.86
CA ALA A 58 2.05 18.28 -22.55
C ALA A 58 1.60 17.60 -23.84
N THR A 59 1.64 16.26 -23.84
CA THR A 59 1.10 15.45 -24.93
C THR A 59 -0.03 14.59 -24.39
N ILE A 60 -1.13 14.51 -25.15
CA ILE A 60 -2.28 13.68 -24.81
C ILE A 60 -2.39 12.57 -25.85
N ILE A 61 -2.54 11.35 -25.38
CA ILE A 61 -2.76 10.20 -26.25
C ILE A 61 -4.25 9.97 -26.41
N THR A 62 -4.72 9.75 -27.64
CA THR A 62 -6.11 9.42 -27.87
C THR A 62 -6.18 8.51 -29.10
N THR A 63 -7.38 8.27 -29.61
CA THR A 63 -7.62 7.46 -30.79
C THR A 63 -8.30 8.30 -31.87
N PRO A 64 -8.27 7.85 -33.14
CA PRO A 64 -8.76 8.73 -34.24
C PRO A 64 -10.17 9.26 -34.06
N LEU A 65 -11.12 8.40 -33.72
CA LEU A 65 -12.50 8.81 -33.61
C LEU A 65 -12.77 9.68 -32.39
N ASN A 66 -11.81 9.77 -31.48
CA ASN A 66 -11.92 10.69 -30.35
C ASN A 66 -11.12 11.96 -30.55
N ALA A 67 -10.26 12.04 -31.58
CA ALA A 67 -9.36 13.19 -31.68
C ALA A 67 -10.14 14.50 -31.68
N HIS A 68 -11.29 14.54 -32.38
CA HIS A 68 -12.03 15.78 -32.49
C HIS A 68 -12.36 16.35 -31.12
N THR A 69 -12.69 15.48 -30.14
CA THR A 69 -13.02 15.97 -28.81
C THR A 69 -11.94 16.89 -28.26
N PHE A 70 -10.67 16.53 -28.49
CA PHE A 70 -9.60 17.40 -28.04
C PHE A 70 -9.37 18.57 -28.99
N THR A 71 -9.36 18.30 -30.30
CA THR A 71 -9.05 19.37 -31.24
C THR A 71 -10.01 20.54 -31.07
N LYS A 72 -11.30 20.22 -31.05
CA LYS A 72 -12.34 21.22 -30.81
C LYS A 72 -12.09 21.94 -29.49
N ALA A 73 -11.78 21.19 -28.43
CA ALA A 73 -11.64 21.79 -27.11
C ALA A 73 -10.40 22.66 -27.00
N ILE A 74 -9.37 22.39 -27.79
CA ILE A 74 -8.16 23.21 -27.77
C ILE A 74 -8.39 24.50 -28.56
N THR A 84 0.63 25.16 -26.80
CA THR A 84 0.11 24.11 -27.66
C THR A 84 0.21 22.73 -27.03
N ILE A 85 -0.92 22.08 -26.83
CA ILE A 85 -0.95 20.72 -26.32
C ILE A 85 -1.00 19.77 -27.51
N HIS A 86 -0.05 18.85 -27.55
CA HIS A 86 0.12 17.96 -28.68
C HIS A 86 -0.73 16.71 -28.49
N LEU A 87 -1.26 16.19 -29.59
CA LEU A 87 -2.05 14.98 -29.59
C LEU A 87 -1.28 13.87 -30.28
N GLU A 88 -1.34 12.67 -29.71
CA GLU A 88 -0.80 11.46 -30.32
C GLU A 88 -1.94 10.46 -30.50
N LEU A 89 -2.10 9.92 -31.71
CA LEU A 89 -3.21 9.02 -32.02
C LEU A 89 -2.71 7.57 -32.01
N PHE A 90 -3.34 6.73 -31.19
CA PHE A 90 -3.09 5.30 -31.19
C PHE A 90 -4.22 4.58 -31.93
N LYS A 91 -3.89 3.45 -32.55
CA LYS A 91 -4.92 2.64 -33.18
C LYS A 91 -5.60 1.76 -32.13
N PHE A 92 -6.94 1.86 -32.05
CA PHE A 92 -7.72 1.05 -31.12
C PHE A 92 -8.15 -0.24 -31.81
N PRO A 93 -7.78 -1.41 -31.29
CA PRO A 93 -8.05 -2.69 -31.99
C PRO A 93 -9.47 -3.21 -31.77
N ALA A 94 -10.44 -2.46 -32.30
CA ALA A 94 -11.85 -2.80 -32.10
C ALA A 94 -12.19 -4.15 -32.73
N GLN A 95 -11.86 -4.33 -34.01
CA GLN A 95 -12.15 -5.59 -34.68
C GLN A 95 -11.47 -6.76 -33.97
N ASP A 96 -10.24 -6.55 -33.51
CA ASP A 96 -9.47 -7.59 -32.85
C ASP A 96 -10.18 -8.14 -31.60
N VAL A 97 -10.94 -7.31 -30.90
CA VAL A 97 -11.65 -7.75 -29.70
C VAL A 97 -13.14 -7.94 -29.95
N GLY A 98 -13.57 -7.81 -31.20
CA GLY A 98 -14.95 -8.07 -31.57
C GLY A 98 -15.90 -6.91 -31.38
N LEU A 99 -15.39 -5.68 -31.34
CA LEU A 99 -16.21 -4.49 -31.27
C LEU A 99 -16.46 -3.96 -32.68
N PRO A 100 -17.59 -3.30 -32.91
CA PRO A 100 -17.73 -2.56 -34.17
C PRO A 100 -16.55 -1.61 -34.36
N GLU A 101 -16.14 -1.44 -35.61
CA GLU A 101 -15.02 -0.54 -35.90
C GLU A 101 -15.25 0.86 -35.33
N GLY A 102 -16.50 1.32 -35.33
CA GLY A 102 -16.83 2.64 -34.83
C GLY A 102 -16.94 2.77 -33.32
N CYS A 103 -16.67 1.71 -32.57
CA CYS A 103 -16.78 1.74 -31.11
C CYS A 103 -15.42 2.04 -30.51
N GLU A 104 -15.09 3.32 -30.36
CA GLU A 104 -13.80 3.72 -29.79
C GLU A 104 -13.98 4.49 -28.48
N ASN A 105 -15.13 4.35 -27.84
N ASN A 105 -15.18 4.51 -27.91
CA ASN A 105 -15.52 5.21 -26.72
CA ASN A 105 -15.38 5.21 -26.65
C ASN A 105 -16.28 4.36 -25.70
C ASN A 105 -16.19 4.33 -25.71
N LEU A 106 -15.89 4.47 -24.42
CA LEU A 106 -16.44 3.57 -23.40
C LEU A 106 -17.95 3.71 -23.27
N GLU A 107 -18.48 4.90 -23.52
CA GLU A 107 -19.92 5.12 -23.36
C GLU A 107 -20.70 4.28 -24.36
N GLN A 108 -20.11 3.99 -25.51
CA GLN A 108 -20.75 3.25 -26.58
C GLN A 108 -20.70 1.75 -26.37
N ALA A 109 -19.97 1.28 -25.36
CA ALA A 109 -19.86 -0.14 -25.06
C ALA A 109 -20.85 -0.44 -23.95
N LEU A 110 -22.11 -0.63 -24.34
CA LEU A 110 -23.18 -0.91 -23.40
C LEU A 110 -23.39 -2.41 -23.27
N GLY A 111 -23.36 -2.91 -22.04
CA GLY A 111 -23.59 -4.30 -21.71
C GLY A 111 -22.31 -4.99 -21.33
N SER A 112 -22.44 -6.05 -20.53
CA SER A 112 -21.29 -6.81 -20.03
C SER A 112 -20.37 -7.28 -21.16
N SER A 113 -20.96 -7.81 -22.23
CA SER A 113 -20.17 -8.32 -23.34
C SER A 113 -19.32 -7.20 -23.95
N LEU A 114 -19.99 -6.13 -24.39
CA LEU A 114 -19.29 -5.03 -25.04
C LEU A 114 -18.29 -4.39 -24.09
N ILE A 115 -18.64 -4.25 -22.81
CA ILE A 115 -17.73 -3.59 -21.86
C ILE A 115 -16.47 -4.41 -21.66
N GLU A 116 -16.61 -5.74 -21.52
CA GLU A 116 -15.43 -6.57 -21.35
C GLU A 116 -14.58 -6.56 -22.60
N LYS A 117 -15.21 -6.48 -23.78
CA LYS A 117 -14.42 -6.35 -25.00
C LYS A 117 -13.69 -5.02 -25.04
N PHE A 118 -14.36 -3.95 -24.62
CA PHE A 118 -13.71 -2.64 -24.59
C PHE A 118 -12.49 -2.67 -23.68
N PHE A 119 -12.59 -3.30 -22.52
CA PHE A 119 -11.43 -3.32 -21.64
C PHE A 119 -10.31 -4.20 -22.19
N LYS A 120 -10.65 -5.32 -22.86
CA LYS A 120 -9.61 -6.04 -23.60
C LYS A 120 -8.94 -5.14 -24.61
N GLY A 121 -9.74 -4.38 -25.36
CA GLY A 121 -9.21 -3.47 -26.36
C GLY A 121 -8.22 -2.46 -25.79
N VAL A 122 -8.60 -1.80 -24.69
CA VAL A 122 -7.70 -0.78 -24.17
C VAL A 122 -6.47 -1.44 -23.58
N GLY A 123 -6.61 -2.63 -23.01
CA GLY A 123 -5.43 -3.37 -22.56
C GLY A 123 -4.44 -3.62 -23.69
N LEU A 124 -4.95 -3.79 -24.91
CA LEU A 124 -4.08 -4.01 -26.05
C LEU A 124 -3.42 -2.74 -26.59
N LEU A 125 -3.57 -1.59 -25.92
CA LEU A 125 -2.81 -0.39 -26.29
C LEU A 125 -1.41 -0.37 -25.71
N ARG A 126 -1.05 -1.36 -24.88
CA ARG A 126 0.22 -1.30 -24.14
C ARG A 126 1.40 -1.27 -25.10
N GLU A 127 1.33 -2.03 -26.20
CA GLU A 127 2.46 -2.07 -27.13
C GLU A 127 2.72 -0.70 -27.72
N GLN A 128 1.66 0.00 -28.13
CA GLN A 128 1.81 1.35 -28.67
C GLN A 128 2.29 2.33 -27.61
N LEU A 129 1.80 2.20 -26.37
CA LEU A 129 2.26 3.09 -25.31
C LEU A 129 3.75 2.93 -25.09
N GLU A 130 4.22 1.68 -25.03
CA GLU A 130 5.62 1.45 -24.72
C GLU A 130 6.52 1.89 -25.88
N ALA A 131 6.05 1.70 -27.12
CA ALA A 131 6.80 2.22 -28.26
C ALA A 131 6.86 3.74 -28.23
N TYR A 132 5.74 4.39 -27.89
CA TYR A 132 5.74 5.85 -27.83
C TYR A 132 6.64 6.38 -26.72
N LEU A 133 6.64 5.72 -25.56
CA LEU A 133 7.50 6.16 -24.46
C LEU A 133 8.97 5.99 -24.82
N GLU A 134 9.33 4.83 -25.38
CA GLU A 134 10.71 4.62 -25.80
C GLU A 134 11.14 5.68 -26.82
N LYS A 135 10.23 6.04 -27.73
CA LYS A 135 10.55 7.02 -28.76
C LYS A 135 10.72 8.43 -28.17
N THR A 136 9.81 8.85 -27.29
CA THR A 136 9.78 10.24 -26.87
C THR A 136 10.48 10.49 -25.54
N ARG A 137 10.58 9.48 -24.68
CA ARG A 137 11.26 9.60 -23.39
C ARG A 137 10.77 10.79 -22.55
N PRO A 138 9.46 10.82 -22.22
CA PRO A 138 8.96 11.92 -21.40
C PRO A 138 9.42 11.79 -19.96
N ASN A 139 9.25 12.89 -19.20
CA ASN A 139 9.63 12.86 -17.80
C ASN A 139 8.55 12.27 -16.90
N CYS A 140 7.30 12.24 -17.34
CA CYS A 140 6.24 11.68 -16.49
C CYS A 140 5.10 11.17 -17.34
N LEU A 141 4.46 10.08 -16.89
CA LEU A 141 3.26 9.57 -17.53
C LEU A 141 2.08 9.69 -16.56
N VAL A 142 1.07 10.46 -16.92
CA VAL A 142 -0.19 10.50 -16.19
C VAL A 142 -1.16 9.60 -16.92
N ALA A 143 -1.49 8.46 -16.33
CA ALA A 143 -2.29 7.46 -17.01
C ALA A 143 -3.58 7.19 -16.23
N ASP A 144 -4.63 6.93 -16.99
CA ASP A 144 -5.95 6.64 -16.46
C ASP A 144 -5.92 5.52 -15.43
N MET A 145 -6.77 5.67 -14.39
CA MET A 145 -7.01 4.58 -13.45
C MET A 145 -7.27 3.23 -14.13
N PHE A 146 -7.91 3.24 -15.30
CA PHE A 146 -8.22 1.96 -15.93
C PHE A 146 -7.00 1.28 -16.58
N PHE A 147 -5.81 1.85 -16.48
CA PHE A 147 -4.58 1.29 -17.06
C PHE A 147 -3.57 0.96 -15.96
N PRO A 148 -3.84 -0.03 -15.09
CA PRO A 148 -2.88 -0.32 -14.03
C PRO A 148 -1.49 -0.71 -14.56
N TRP A 149 -1.49 -1.43 -15.68
CA TRP A 149 -0.24 -1.85 -16.32
C TRP A 149 0.62 -0.69 -16.77
N ALA A 150 0.05 0.52 -16.90
CA ALA A 150 0.87 1.65 -17.34
C ALA A 150 2.03 1.89 -16.39
N THR A 151 1.86 1.52 -15.11
CA THR A 151 2.97 1.71 -14.17
C THR A 151 4.24 1.02 -14.66
N ASP A 152 4.14 -0.27 -14.95
CA ASP A 152 5.34 -0.97 -15.41
C ASP A 152 5.77 -0.52 -16.79
N SER A 153 4.81 -0.14 -17.65
CA SER A 153 5.19 0.38 -18.95
C SER A 153 6.08 1.60 -18.80
N ALA A 154 5.80 2.44 -17.81
CA ALA A 154 6.65 3.61 -17.61
C ALA A 154 7.96 3.21 -16.95
N ALA A 155 7.91 2.21 -16.06
CA ALA A 155 9.13 1.80 -15.35
C ALA A 155 10.18 1.26 -16.31
N LYS A 156 9.76 0.67 -17.43
CA LYS A 156 10.71 0.19 -18.43
C LYS A 156 11.68 1.27 -18.86
N PHE A 157 11.29 2.55 -18.73
CA PHE A 157 12.13 3.66 -19.15
C PHE A 157 12.45 4.59 -18.00
N ASN A 158 12.30 4.12 -16.76
CA ASN A 158 12.59 4.90 -15.55
C ASN A 158 11.77 6.19 -15.53
N ILE A 159 10.50 6.08 -15.90
CA ILE A 159 9.56 7.21 -15.93
C ILE A 159 8.56 7.02 -14.81
N PRO A 160 8.33 8.02 -13.95
CA PRO A 160 7.29 7.89 -12.93
C PRO A 160 5.91 7.97 -13.56
N ARG A 161 4.99 7.17 -13.04
CA ARG A 161 3.60 7.15 -13.47
C ARG A 161 2.70 7.67 -12.35
N LEU A 162 1.79 8.56 -12.71
CA LEU A 162 0.72 9.03 -11.84
C LEU A 162 -0.60 8.43 -12.31
N VAL A 163 -1.49 8.14 -11.36
CA VAL A 163 -2.82 7.63 -11.62
C VAL A 163 -3.79 8.81 -11.62
N PHE A 164 -4.66 8.87 -12.63
CA PHE A 164 -5.78 9.83 -12.59
C PHE A 164 -7.11 9.10 -12.70
N HIS A 165 -8.02 9.35 -11.74
CA HIS A 165 -9.33 8.72 -11.69
C HIS A 165 -10.49 9.62 -12.12
N GLY A 166 -10.34 10.93 -11.97
CA GLY A 166 -11.44 11.84 -12.26
C GLY A 166 -12.59 11.83 -11.26
N THR A 167 -12.34 11.45 -10.00
CA THR A 167 -13.39 11.37 -8.99
C THR A 167 -12.90 12.02 -7.69
N SER A 168 -13.78 12.00 -6.69
CA SER A 168 -13.52 12.65 -5.42
C SER A 168 -12.62 11.80 -4.51
N PHE A 169 -11.94 12.48 -3.56
CA PHE A 169 -11.24 11.73 -2.50
C PHE A 169 -12.19 10.80 -1.79
N PHE A 170 -13.41 11.27 -1.51
CA PHE A 170 -14.36 10.44 -0.79
C PHE A 170 -14.60 9.13 -1.52
N SER A 171 -14.81 9.18 -2.85
CA SER A 171 -15.04 7.95 -3.59
C SER A 171 -13.82 7.04 -3.59
N LEU A 172 -12.63 7.63 -3.79
CA LEU A 172 -11.39 6.86 -3.71
C LEU A 172 -11.28 6.11 -2.39
N CYS A 173 -11.62 6.78 -1.28
CA CYS A 173 -11.50 6.17 0.05
C CYS A 173 -12.59 5.13 0.28
N ALA A 174 -13.84 5.48 -0.03
CA ALA A 174 -14.97 4.60 0.26
C ALA A 174 -14.89 3.32 -0.53
N LEU A 175 -14.56 3.41 -1.82
CA LEU A 175 -14.45 2.19 -2.61
C LEU A 175 -13.39 1.27 -2.05
N GLU A 176 -12.26 1.83 -1.62
CA GLU A 176 -11.19 0.99 -1.10
C GLU A 176 -11.58 0.36 0.23
N VAL A 177 -12.27 1.12 1.09
CA VAL A 177 -12.66 0.54 2.37
C VAL A 177 -13.68 -0.57 2.17
N VAL A 178 -14.61 -0.40 1.21
CA VAL A 178 -15.56 -1.45 0.90
C VAL A 178 -14.86 -2.66 0.30
N ARG A 179 -13.88 -2.44 -0.58
CA ARG A 179 -13.19 -3.56 -1.19
C ARG A 179 -12.42 -4.36 -0.14
N LEU A 180 -11.80 -3.68 0.82
CA LEU A 180 -10.94 -4.36 1.77
C LEU A 180 -11.73 -5.01 2.92
N TYR A 181 -12.76 -4.33 3.42
CA TYR A 181 -13.46 -4.79 4.61
C TYR A 181 -14.76 -5.53 4.29
N GLU A 182 -15.24 -5.46 3.05
CA GLU A 182 -16.46 -6.11 2.58
C GLU A 182 -17.60 -6.01 3.60
N PRO A 183 -17.97 -4.81 4.07
CA PRO A 183 -19.02 -4.72 5.09
C PRO A 183 -20.39 -5.15 4.60
N HIS A 184 -20.55 -5.39 3.29
CA HIS A 184 -21.79 -5.93 2.76
C HIS A 184 -21.94 -7.43 2.97
N LYS A 185 -20.92 -8.08 3.51
CA LYS A 185 -21.06 -9.48 3.89
C LYS A 185 -21.92 -9.66 5.13
N ASN A 186 -22.01 -8.63 5.97
CA ASN A 186 -22.70 -8.70 7.26
C ASN A 186 -24.20 -8.39 7.14
N VAL A 187 -24.79 -8.52 5.96
CA VAL A 187 -26.20 -8.17 5.77
C VAL A 187 -26.94 -9.38 5.19
N SER A 188 -28.26 -9.34 5.35
CA SER A 188 -29.12 -10.43 4.91
C SER A 188 -30.16 -10.02 3.87
N SER A 189 -30.32 -8.72 3.60
CA SER A 189 -31.31 -8.24 2.65
C SER A 189 -30.72 -7.14 1.79
N ASP A 190 -31.35 -6.93 0.63
CA ASP A 190 -30.87 -5.95 -0.33
C ASP A 190 -30.87 -4.54 0.23
N GLU A 191 -31.75 -4.25 1.18
CA GLU A 191 -31.96 -2.90 1.67
C GLU A 191 -31.35 -2.66 3.04
N GLU A 192 -30.75 -3.67 3.65
CA GLU A 192 -30.18 -3.53 5.00
C GLU A 192 -29.03 -2.53 5.00
N LEU A 193 -29.09 -1.55 5.90
CA LEU A 193 -28.08 -0.50 5.98
C LEU A 193 -26.87 -0.96 6.80
N PHE A 194 -25.68 -0.68 6.27
CA PHE A 194 -24.42 -0.89 6.98
C PHE A 194 -23.59 0.38 6.91
N SER A 195 -22.75 0.57 7.93
CA SER A 195 -21.88 1.74 7.99
C SER A 195 -20.56 1.47 7.27
N LEU A 196 -19.97 2.53 6.73
CA LEU A 196 -18.64 2.40 6.12
C LEU A 196 -17.58 2.36 7.22
N PRO A 197 -16.76 1.32 7.30
CA PRO A 197 -15.74 1.25 8.35
C PRO A 197 -14.78 2.42 8.30
N LEU A 198 -14.22 2.76 9.48
CA LEU A 198 -13.06 3.62 9.65
C LEU A 198 -13.32 5.11 9.48
N PHE A 199 -14.38 5.48 8.75
CA PHE A 199 -14.56 6.87 8.36
C PHE A 199 -14.91 7.75 9.56
N PRO A 200 -14.49 9.03 9.53
CA PRO A 200 -14.88 9.96 10.60
C PRO A 200 -16.33 10.40 10.52
N HIS A 201 -17.03 10.09 9.43
CA HIS A 201 -18.48 10.26 9.33
C HIS A 201 -19.14 8.88 9.31
N ASP A 202 -20.37 8.81 9.83
CA ASP A 202 -21.14 7.56 9.81
C ASP A 202 -21.94 7.53 8.51
N ILE A 203 -21.37 6.90 7.49
CA ILE A 203 -21.98 6.82 6.17
C ILE A 203 -22.68 5.46 6.04
N LYS A 204 -24.00 5.49 5.85
CA LYS A 204 -24.76 4.25 5.70
C LYS A 204 -25.09 3.99 4.25
N MET A 205 -24.92 2.74 3.84
CA MET A 205 -25.21 2.31 2.48
C MET A 205 -25.84 0.93 2.53
N MET A 206 -26.41 0.52 1.41
CA MET A 206 -27.03 -0.79 1.27
C MET A 206 -26.42 -1.54 0.11
N ARG A 207 -26.65 -2.86 0.11
CA ARG A 207 -26.13 -3.73 -0.93
C ARG A 207 -26.60 -3.32 -2.32
N LEU A 208 -27.86 -2.85 -2.43
CA LEU A 208 -28.38 -2.45 -3.74
C LEU A 208 -27.52 -1.39 -4.41
N GLN A 209 -26.80 -0.60 -3.63
CA GLN A 209 -26.01 0.49 -4.17
C GLN A 209 -24.65 0.02 -4.68
N LEU A 210 -24.32 -1.27 -4.56
CA LEU A 210 -23.11 -1.92 -5.05
C LEU A 210 -23.42 -2.76 -6.27
N PRO A 211 -22.48 -2.90 -7.21
CA PRO A 211 -22.75 -3.71 -8.41
C PRO A 211 -23.07 -5.16 -8.04
N GLU A 212 -24.07 -5.72 -8.72
CA GLU A 212 -24.44 -7.11 -8.47
C GLU A 212 -23.26 -8.05 -8.65
N ASP A 213 -22.36 -7.72 -9.58
CA ASP A 213 -21.15 -8.50 -9.80
C ASP A 213 -20.29 -8.67 -8.55
N VAL A 214 -20.48 -7.80 -7.55
CA VAL A 214 -19.66 -7.85 -6.34
C VAL A 214 -20.35 -8.64 -5.24
N TRP A 215 -21.67 -8.60 -5.18
CA TRP A 215 -22.40 -9.17 -4.05
C TRP A 215 -23.41 -10.25 -4.39
N LYS A 216 -23.80 -10.40 -5.66
CA LYS A 216 -24.78 -11.40 -6.06
C LYS A 216 -24.14 -12.57 -6.80
N HIS A 217 -23.55 -12.32 -7.97
CA HIS A 217 -22.90 -13.35 -8.76
C HIS A 217 -21.51 -12.84 -9.14
N GLU A 218 -20.50 -13.26 -8.36
CA GLU A 218 -19.14 -12.77 -8.52
C GLU A 218 -18.56 -13.12 -9.90
N LYS A 219 -18.19 -12.08 -10.66
CA LYS A 219 -17.44 -12.23 -11.89
C LYS A 219 -15.98 -11.91 -11.58
N ALA A 220 -15.13 -12.93 -11.65
CA ALA A 220 -13.70 -12.76 -11.40
C ALA A 220 -13.11 -11.57 -12.15
N GLU A 221 -13.61 -11.29 -13.36
CA GLU A 221 -13.00 -10.30 -14.25
C GLU A 221 -13.09 -8.89 -13.67
N GLY A 222 -14.31 -8.44 -13.35
CA GLY A 222 -14.48 -7.13 -12.73
C GLY A 222 -13.75 -7.00 -11.40
N LYS A 223 -13.77 -8.06 -10.59
CA LYS A 223 -13.13 -7.99 -9.27
C LYS A 223 -11.61 -7.86 -9.40
N THR A 224 -11.01 -8.62 -10.33
CA THR A 224 -9.59 -8.47 -10.58
C THR A 224 -9.26 -7.10 -11.15
N ARG A 225 -10.11 -6.60 -12.06
CA ARG A 225 -9.92 -5.26 -12.61
C ARG A 225 -9.85 -4.22 -11.50
N LEU A 226 -10.82 -4.26 -10.59
CA LEU A 226 -10.86 -3.28 -9.51
C LEU A 226 -9.66 -3.44 -8.58
N LYS A 227 -9.27 -4.67 -8.28
CA LYS A 227 -8.11 -4.92 -7.44
C LYS A 227 -6.86 -4.30 -8.04
N LEU A 228 -6.63 -4.54 -9.33
CA LEU A 228 -5.43 -4.00 -9.97
C LEU A 228 -5.47 -2.47 -10.01
N ILE A 229 -6.66 -1.88 -10.23
CA ILE A 229 -6.76 -0.42 -10.23
C ILE A 229 -6.38 0.15 -8.86
N LYS A 230 -6.98 -0.39 -7.79
CA LYS A 230 -6.71 0.18 -6.46
C LYS A 230 -5.27 -0.07 -6.05
N GLU A 231 -4.72 -1.24 -6.42
CA GLU A 231 -3.31 -1.51 -6.15
C GLU A 231 -2.39 -0.57 -6.91
N SER A 232 -2.76 -0.16 -8.12
CA SER A 232 -1.90 0.77 -8.85
C SER A 232 -1.72 2.09 -8.12
N GLU A 233 -2.65 2.45 -7.22
CA GLU A 233 -2.51 3.71 -6.49
C GLU A 233 -1.30 3.67 -5.55
N LEU A 234 -0.96 2.50 -5.02
CA LEU A 234 0.20 2.35 -4.16
C LEU A 234 1.46 1.96 -4.94
N LYS A 235 1.31 1.20 -6.01
CA LYS A 235 2.50 0.81 -6.77
C LYS A 235 3.09 1.91 -7.64
N SER A 236 2.29 2.92 -7.99
CA SER A 236 2.74 3.99 -8.86
C SER A 236 3.40 5.10 -8.04
N TYR A 237 3.84 6.15 -8.73
CA TYR A 237 4.46 7.27 -8.04
C TYR A 237 3.45 8.02 -7.16
N GLY A 238 2.20 8.10 -7.60
CA GLY A 238 1.20 8.79 -6.81
C GLY A 238 -0.07 8.98 -7.62
N VAL A 239 -0.96 9.79 -7.08
CA VAL A 239 -2.30 9.97 -7.61
C VAL A 239 -2.55 11.47 -7.76
N ILE A 240 -3.01 11.89 -8.94
CA ILE A 240 -3.49 13.26 -9.12
C ILE A 240 -5.01 13.24 -8.92
N VAL A 241 -5.53 14.16 -8.11
CA VAL A 241 -6.95 14.15 -7.76
C VAL A 241 -7.59 15.46 -8.20
N ASN A 242 -8.69 15.34 -8.95
CA ASN A 242 -9.46 16.50 -9.39
C ASN A 242 -10.44 16.86 -8.27
N SER A 243 -9.87 17.44 -7.22
CA SER A 243 -10.63 17.94 -6.09
C SER A 243 -9.79 19.02 -5.43
N PHE A 244 -10.38 19.69 -4.43
CA PHE A 244 -9.60 20.64 -3.65
C PHE A 244 -9.69 20.31 -2.16
N TYR A 245 -8.56 20.52 -1.47
CA TYR A 245 -8.43 20.08 -0.09
C TYR A 245 -9.58 20.58 0.77
N GLU A 246 -9.90 21.87 0.64
CA GLU A 246 -10.88 22.48 1.52
C GLU A 246 -12.29 21.91 1.30
N LEU A 247 -12.54 21.29 0.13
CA LEU A 247 -13.82 20.65 -0.14
C LEU A 247 -14.06 19.42 0.72
N GLU A 248 -13.05 18.58 0.90
CA GLU A 248 -13.25 17.31 1.60
C GLU A 248 -11.99 16.96 2.39
N PRO A 249 -11.62 17.78 3.39
CA PRO A 249 -10.31 17.59 4.04
C PRO A 249 -10.16 16.27 4.77
N ASN A 250 -11.24 15.75 5.38
CA ASN A 250 -11.14 14.47 6.07
C ASN A 250 -10.72 13.36 5.13
N TYR A 251 -11.13 13.45 3.87
CA TYR A 251 -10.86 12.39 2.92
C TYR A 251 -9.59 12.63 2.13
N ALA A 252 -9.23 13.89 1.88
CA ALA A 252 -7.87 14.19 1.42
C ALA A 252 -6.84 13.64 2.41
N GLU A 253 -7.12 13.73 3.71
CA GLU A 253 -6.20 13.18 4.69
C GLU A 253 -6.30 11.66 4.75
N PHE A 254 -7.52 11.11 4.78
CA PHE A 254 -7.72 9.68 4.88
C PHE A 254 -7.03 8.94 3.74
N PHE A 255 -7.11 9.49 2.53
CA PHE A 255 -6.49 8.86 1.38
C PHE A 255 -4.98 8.76 1.55
N ARG A 256 -4.38 9.78 2.14
CA ARG A 256 -2.93 9.84 2.31
C ARG A 256 -2.45 9.14 3.57
N LYS A 257 -3.22 9.19 4.65
CA LYS A 257 -2.78 8.66 5.94
C LYS A 257 -3.24 7.20 6.09
N GLU A 258 -4.53 7.01 6.35
CA GLU A 258 -5.05 5.67 6.58
C GLU A 258 -4.88 4.76 5.37
N LEU A 259 -4.97 5.30 4.16
CA LEU A 259 -4.81 4.46 2.98
C LEU A 259 -3.43 4.56 2.35
N GLY A 260 -2.59 5.50 2.81
CA GLY A 260 -1.18 5.48 2.46
C GLY A 260 -0.82 5.96 1.07
N ARG A 261 -1.72 6.62 0.36
CA ARG A 261 -1.40 7.07 -0.99
C ARG A 261 -0.66 8.40 -0.96
N ARG A 262 0.23 8.59 -1.93
CA ARG A 262 0.80 9.90 -2.26
C ARG A 262 -0.13 10.56 -3.26
N ALA A 263 -0.62 11.76 -2.94
CA ALA A 263 -1.62 12.39 -3.81
C ALA A 263 -1.41 13.90 -3.84
N TRP A 264 -1.87 14.50 -4.94
CA TRP A 264 -1.91 15.95 -5.08
C TRP A 264 -3.31 16.32 -5.50
N ASN A 265 -3.91 17.30 -4.79
CA ASN A 265 -5.23 17.81 -5.13
C ASN A 265 -5.06 19.10 -5.91
N ILE A 266 -5.48 19.11 -7.18
CA ILE A 266 -5.18 20.24 -8.06
C ILE A 266 -6.43 20.80 -8.73
N GLY A 267 -7.60 20.39 -8.26
CA GLY A 267 -8.86 20.76 -8.89
C GLY A 267 -9.60 21.86 -8.18
N PRO A 268 -10.78 22.25 -8.70
CA PRO A 268 -11.41 21.75 -9.93
C PRO A 268 -10.64 22.17 -11.15
N VAL A 269 -10.20 21.20 -11.96
CA VAL A 269 -9.29 21.51 -13.04
C VAL A 269 -9.96 22.33 -14.13
N SER A 270 -11.29 22.32 -14.19
CA SER A 270 -11.98 23.07 -15.25
C SER A 270 -11.84 24.58 -15.09
N LEU A 271 -11.50 25.06 -13.90
CA LEU A 271 -11.37 26.51 -13.72
C LEU A 271 -10.13 27.07 -14.39
N CYS A 272 -9.18 26.22 -14.75
CA CYS A 272 -7.99 26.56 -15.53
C CYS A 272 -8.27 27.61 -16.58
N ASN A 273 -9.09 27.26 -17.58
CA ASN A 273 -9.44 28.18 -18.66
C ASN A 273 -10.63 29.04 -18.24
N ARG A 274 -10.35 29.93 -17.28
CA ARG A 274 -11.34 30.84 -16.71
C ARG A 274 -10.70 31.70 -15.63
N GLU A 290 -25.78 34.67 -27.03
CA GLU A 290 -24.85 33.60 -26.70
C GLU A 290 -25.48 32.25 -27.12
N HIS A 291 -26.11 31.57 -26.17
CA HIS A 291 -26.95 30.42 -26.42
C HIS A 291 -28.38 30.83 -26.12
N GLU A 292 -29.33 30.22 -26.84
CA GLU A 292 -30.72 30.66 -26.72
C GLU A 292 -31.26 30.42 -25.32
N CYS A 293 -30.82 29.34 -24.64
CA CYS A 293 -31.33 29.05 -23.30
C CYS A 293 -30.85 30.09 -22.29
N LEU A 294 -29.69 30.70 -22.53
CA LEU A 294 -29.23 31.75 -21.62
C LEU A 294 -30.05 33.02 -21.78
N LYS A 295 -30.41 33.37 -23.03
CA LYS A 295 -31.36 34.46 -23.25
C LYS A 295 -32.71 34.13 -22.61
N TRP A 296 -33.13 32.87 -22.71
CA TRP A 296 -34.36 32.42 -22.05
C TRP A 296 -34.28 32.64 -20.55
N LEU A 297 -33.10 32.41 -19.96
CA LEU A 297 -32.93 32.55 -18.52
C LEU A 297 -32.84 34.00 -18.06
N ASN A 298 -32.32 34.90 -18.90
CA ASN A 298 -32.10 36.29 -18.50
C ASN A 298 -33.35 36.94 -17.89
N SER A 299 -34.53 36.51 -18.33
CA SER A 299 -35.79 37.09 -17.88
C SER A 299 -36.25 36.63 -16.49
N LYS A 300 -35.52 35.75 -15.82
CA LYS A 300 -36.14 34.98 -14.74
C LYS A 300 -35.56 35.32 -13.37
N LYS A 301 -36.33 34.98 -12.34
CA LYS A 301 -35.96 35.23 -10.96
C LYS A 301 -34.70 34.46 -10.57
N LYS A 302 -33.90 35.07 -9.71
CA LYS A 302 -32.73 34.40 -9.17
C LYS A 302 -33.13 33.10 -8.46
N ASN A 303 -32.40 32.02 -8.77
CA ASN A 303 -32.55 30.72 -8.11
C ASN A 303 -33.93 30.11 -8.31
N SER A 304 -34.59 30.41 -9.42
CA SER A 304 -35.96 29.96 -9.63
C SER A 304 -36.10 28.82 -10.63
N VAL A 305 -35.03 28.43 -11.33
CA VAL A 305 -35.09 27.44 -12.38
C VAL A 305 -34.27 26.22 -11.98
N ILE A 306 -34.77 25.03 -12.31
CA ILE A 306 -34.07 23.77 -12.03
C ILE A 306 -33.45 23.26 -13.32
N TYR A 307 -32.19 22.87 -13.25
CA TYR A 307 -31.47 22.27 -14.37
C TYR A 307 -31.38 20.75 -14.16
N ILE A 308 -31.73 19.97 -15.19
CA ILE A 308 -31.73 18.51 -15.11
C ILE A 308 -30.85 17.97 -16.23
N CYS A 309 -29.82 17.22 -15.87
CA CYS A 309 -28.97 16.62 -16.90
C CYS A 309 -28.25 15.40 -16.31
N PHE A 310 -28.22 14.29 -17.06
CA PHE A 310 -27.66 13.04 -16.56
C PHE A 310 -26.30 12.69 -17.14
N GLY A 311 -25.58 13.68 -17.65
CA GLY A 311 -24.19 13.48 -18.03
C GLY A 311 -23.99 12.86 -19.40
N SER A 312 -22.75 12.39 -19.62
CA SER A 312 -22.36 11.83 -20.90
C SER A 312 -22.75 10.37 -21.03
N THR A 313 -22.68 9.63 -19.93
CA THR A 313 -23.03 8.22 -19.92
C THR A 313 -24.53 7.99 -19.91
N ALA A 314 -25.33 9.06 -20.03
CA ALA A 314 -26.78 8.99 -19.97
C ALA A 314 -27.36 8.00 -20.97
N HIS A 315 -27.97 6.94 -20.47
CA HIS A 315 -28.67 5.91 -21.24
C HIS A 315 -30.04 5.75 -20.59
N GLN A 316 -31.02 6.54 -21.05
CA GLN A 316 -32.29 6.69 -20.35
C GLN A 316 -33.41 6.17 -21.22
N ILE A 317 -34.31 5.40 -20.62
CA ILE A 317 -35.39 4.76 -21.34
C ILE A 317 -36.65 5.62 -21.28
N ALA A 318 -37.50 5.46 -22.28
CA ALA A 318 -38.71 6.27 -22.41
C ALA A 318 -39.58 6.27 -21.16
N PRO A 319 -39.87 5.15 -20.48
CA PRO A 319 -40.69 5.23 -19.25
C PRO A 319 -40.10 6.12 -18.17
N GLN A 320 -38.76 6.11 -18.04
CA GLN A 320 -38.14 6.95 -17.02
C GLN A 320 -38.30 8.43 -17.37
N LEU A 321 -38.05 8.79 -18.62
CA LEU A 321 -38.25 10.15 -19.06
C LEU A 321 -39.68 10.58 -18.85
N TYR A 322 -40.62 9.65 -19.05
CA TYR A 322 -42.03 9.97 -18.88
C TYR A 322 -42.34 10.35 -17.44
N GLU A 323 -41.80 9.57 -16.49
CA GLU A 323 -42.00 9.91 -15.08
C GLU A 323 -41.40 11.27 -14.75
N ILE A 324 -40.22 11.58 -15.31
CA ILE A 324 -39.59 12.88 -15.07
C ILE A 324 -40.47 14.00 -15.58
N ALA A 325 -41.01 13.84 -16.81
CA ALA A 325 -41.85 14.88 -17.40
C ALA A 325 -43.05 15.17 -16.51
N MET A 326 -43.73 14.10 -16.07
CA MET A 326 -44.90 14.29 -15.21
C MET A 326 -44.52 14.98 -13.91
N ALA A 327 -43.39 14.60 -13.30
CA ALA A 327 -43.00 15.22 -12.06
C ALA A 327 -42.70 16.70 -12.25
N LEU A 328 -42.04 17.04 -13.37
CA LEU A 328 -41.71 18.43 -13.63
C LEU A 328 -42.99 19.26 -13.80
N GLU A 329 -43.97 18.72 -14.53
CA GLU A 329 -45.23 19.45 -14.68
C GLU A 329 -45.94 19.61 -13.34
N ALA A 330 -46.04 18.53 -12.56
CA ALA A 330 -46.74 18.60 -11.28
C ALA A 330 -46.05 19.52 -10.29
N SER A 331 -44.72 19.67 -10.39
CA SER A 331 -43.97 20.45 -9.40
C SER A 331 -44.20 21.95 -9.55
N GLY A 332 -44.67 22.41 -10.69
CA GLY A 332 -44.80 23.84 -10.92
C GLY A 332 -43.51 24.60 -11.06
N GLN A 333 -42.35 23.92 -10.97
CA GLN A 333 -41.07 24.60 -11.04
C GLN A 333 -40.67 24.85 -12.48
N GLU A 334 -40.07 26.01 -12.73
CA GLU A 334 -39.47 26.28 -14.01
C GLU A 334 -38.22 25.43 -14.16
N PHE A 335 -37.90 25.03 -15.39
CA PHE A 335 -36.85 24.03 -15.58
C PHE A 335 -36.21 24.14 -16.96
N ILE A 336 -34.94 23.71 -17.02
CA ILE A 336 -34.23 23.37 -18.24
C ILE A 336 -33.87 21.89 -18.13
N TRP A 337 -34.39 21.06 -19.03
CA TRP A 337 -34.26 19.61 -18.95
C TRP A 337 -33.52 19.13 -20.19
N VAL A 338 -32.36 18.51 -19.99
CA VAL A 338 -31.51 18.04 -21.08
C VAL A 338 -31.82 16.57 -21.32
N VAL A 339 -32.22 16.24 -22.54
N VAL A 339 -32.22 16.23 -22.53
CA VAL A 339 -32.57 14.87 -22.89
CA VAL A 339 -32.52 14.83 -22.86
C VAL A 339 -31.62 14.30 -23.95
C VAL A 339 -31.61 14.32 -23.99
N ASP A 351 -45.68 11.72 -26.91
CA ASP A 351 -45.23 10.67 -27.81
C ASP A 351 -44.81 9.41 -27.05
N SER A 352 -43.63 8.89 -27.38
CA SER A 352 -43.17 7.68 -26.72
C SER A 352 -42.58 7.96 -25.35
N TRP A 353 -42.36 9.24 -24.99
CA TRP A 353 -41.75 9.53 -23.70
C TRP A 353 -42.24 10.81 -23.05
N LEU A 354 -43.09 11.60 -23.71
CA LEU A 354 -43.66 12.83 -23.16
C LEU A 354 -45.18 12.73 -23.11
N PRO A 355 -45.81 13.33 -22.11
CA PRO A 355 -47.27 13.52 -22.19
C PRO A 355 -47.60 14.38 -23.40
N ARG A 356 -48.71 14.05 -24.06
CA ARG A 356 -49.10 14.82 -25.23
C ARG A 356 -49.41 16.25 -24.84
N GLY A 357 -48.87 17.20 -25.62
CA GLY A 357 -49.03 18.61 -25.33
C GLY A 357 -48.07 19.16 -24.30
N PHE A 358 -47.07 18.37 -23.88
CA PHE A 358 -46.19 18.77 -22.79
C PHE A 358 -45.44 20.04 -23.12
N GLU A 359 -44.66 20.01 -24.20
CA GLU A 359 -43.76 21.13 -24.50
C GLU A 359 -44.52 22.43 -24.76
N GLN A 360 -45.75 22.35 -25.27
CA GLN A 360 -46.58 23.55 -25.41
C GLN A 360 -47.17 23.99 -24.08
N ARG A 361 -47.62 23.04 -23.26
CA ARG A 361 -48.21 23.39 -21.97
C ARG A 361 -47.24 24.13 -21.07
N VAL A 362 -45.95 23.80 -21.13
CA VAL A 362 -44.95 24.38 -20.25
C VAL A 362 -44.19 25.54 -20.89
N GLU A 363 -44.54 25.91 -22.12
CA GLU A 363 -43.82 26.98 -22.82
C GLU A 363 -43.72 28.22 -21.93
N GLY A 364 -42.53 28.82 -21.93
CA GLY A 364 -42.23 29.94 -21.06
C GLY A 364 -41.81 29.55 -19.66
N LYS A 365 -42.17 28.35 -19.19
CA LYS A 365 -41.77 27.87 -17.88
C LYS A 365 -40.78 26.73 -17.93
N GLY A 366 -40.85 25.90 -18.96
CA GLY A 366 -39.96 24.75 -19.07
C GLY A 366 -39.34 24.69 -20.46
N LEU A 367 -38.07 24.33 -20.48
CA LEU A 367 -37.33 24.22 -21.72
C LEU A 367 -36.72 22.82 -21.77
N ILE A 368 -36.93 22.11 -22.87
CA ILE A 368 -36.26 20.84 -23.11
C ILE A 368 -35.14 21.09 -24.11
N ILE A 369 -33.92 20.74 -23.73
CA ILE A 369 -32.77 20.83 -24.60
C ILE A 369 -32.46 19.43 -25.09
N ARG A 370 -32.44 19.24 -26.41
CA ARG A 370 -32.22 17.90 -26.94
C ARG A 370 -30.75 17.63 -27.27
N GLY A 371 -30.00 18.63 -27.67
CA GLY A 371 -28.59 18.45 -27.96
C GLY A 371 -27.70 18.56 -26.73
N TRP A 372 -26.45 18.93 -26.98
CA TRP A 372 -25.51 19.27 -25.93
C TRP A 372 -25.91 20.59 -25.28
N ALA A 373 -26.00 20.59 -23.94
CA ALA A 373 -26.33 21.86 -23.33
C ALA A 373 -25.08 22.57 -22.81
N PRO A 374 -25.09 23.92 -22.77
CA PRO A 374 -23.94 24.64 -22.16
C PRO A 374 -24.03 24.63 -20.63
N GLN A 375 -23.62 23.49 -20.05
CA GLN A 375 -23.93 23.18 -18.66
C GLN A 375 -23.31 24.19 -17.69
N VAL A 376 -22.03 24.51 -17.87
CA VAL A 376 -21.40 25.45 -16.93
C VAL A 376 -22.03 26.82 -17.06
N LEU A 377 -22.27 27.28 -18.30
CA LEU A 377 -22.89 28.59 -18.47
C LEU A 377 -24.29 28.61 -17.86
N ILE A 378 -25.01 27.50 -17.96
CA ILE A 378 -26.34 27.43 -17.36
C ILE A 378 -26.25 27.47 -15.84
N LEU A 379 -25.42 26.58 -15.26
CA LEU A 379 -25.34 26.49 -13.80
C LEU A 379 -24.92 27.82 -13.19
N GLU A 380 -24.05 28.57 -13.88
CA GLU A 380 -23.53 29.83 -13.36
C GLU A 380 -24.44 31.02 -13.68
N HIS A 381 -25.54 30.80 -14.39
CA HIS A 381 -26.54 31.84 -14.58
C HIS A 381 -27.30 32.05 -13.27
N GLU A 382 -27.53 33.33 -12.94
CA GLU A 382 -28.17 33.65 -11.67
C GLU A 382 -29.52 32.96 -11.49
N ALA A 383 -30.24 32.72 -12.60
CA ALA A 383 -31.59 32.18 -12.52
C ALA A 383 -31.64 30.72 -12.08
N ILE A 384 -30.53 29.97 -12.19
CA ILE A 384 -30.54 28.53 -11.93
C ILE A 384 -30.29 28.29 -10.44
N GLY A 385 -31.27 27.67 -9.78
CA GLY A 385 -31.16 27.45 -8.35
C GLY A 385 -31.00 26.02 -7.88
N ALA A 386 -31.06 25.05 -8.78
CA ALA A 386 -30.88 23.66 -8.38
C ALA A 386 -30.49 22.83 -9.60
N PHE A 387 -29.88 21.67 -9.32
CA PHE A 387 -29.28 20.80 -10.34
C PHE A 387 -29.66 19.37 -10.03
N VAL A 388 -30.48 18.75 -10.87
CA VAL A 388 -30.75 17.31 -10.78
C VAL A 388 -29.66 16.58 -11.57
N THR A 389 -28.85 15.78 -10.89
CA THR A 389 -27.61 15.23 -11.44
C THR A 389 -27.48 13.72 -11.19
N HIS A 390 -26.75 13.02 -12.06
CA HIS A 390 -26.44 11.62 -11.77
C HIS A 390 -25.25 11.46 -10.83
N CYS A 391 -24.64 12.55 -10.38
CA CYS A 391 -23.50 12.55 -9.46
C CYS A 391 -22.23 12.00 -10.09
N GLY A 392 -22.14 12.04 -11.42
CA GLY A 392 -20.83 11.98 -12.02
C GLY A 392 -19.99 13.11 -11.46
N TRP A 393 -18.70 12.86 -11.27
CA TRP A 393 -17.90 13.80 -10.47
C TRP A 393 -17.67 15.14 -11.18
N ASN A 394 -17.55 15.14 -12.51
CA ASN A 394 -17.40 16.42 -13.20
C ASN A 394 -18.63 17.30 -13.03
N SER A 395 -19.82 16.70 -13.14
CA SER A 395 -21.04 17.45 -12.92
C SER A 395 -21.17 17.89 -11.46
N THR A 396 -20.85 16.99 -10.54
CA THR A 396 -20.91 17.34 -9.12
C THR A 396 -20.00 18.52 -8.80
N LEU A 397 -18.77 18.47 -9.32
CA LEU A 397 -17.82 19.57 -9.12
C LEU A 397 -18.32 20.86 -9.74
N GLU A 398 -18.94 20.78 -10.93
CA GLU A 398 -19.48 21.98 -11.56
C GLU A 398 -20.61 22.59 -10.74
N GLY A 399 -21.46 21.75 -10.16
CA GLY A 399 -22.49 22.26 -9.28
C GLY A 399 -21.88 22.97 -8.08
N ILE A 400 -20.84 22.37 -7.49
CA ILE A 400 -20.16 22.98 -6.36
C ILE A 400 -19.54 24.31 -6.75
N THR A 401 -18.87 24.35 -7.90
CA THR A 401 -18.18 25.57 -8.30
C THR A 401 -19.17 26.66 -8.69
N ALA A 402 -20.37 26.29 -9.15
CA ALA A 402 -21.39 27.28 -9.42
C ALA A 402 -22.21 27.61 -8.18
N GLY A 403 -21.98 26.90 -7.07
CA GLY A 403 -22.71 27.08 -5.84
C GLY A 403 -24.18 26.73 -5.94
N VAL A 404 -24.50 25.68 -6.69
CA VAL A 404 -25.87 25.29 -6.99
C VAL A 404 -26.17 24.00 -6.24
N PRO A 405 -27.21 23.98 -5.39
CA PRO A 405 -27.58 22.74 -4.72
C PRO A 405 -28.06 21.69 -5.72
N MET A 406 -27.95 20.42 -5.32
CA MET A 406 -28.16 19.32 -6.26
C MET A 406 -29.16 18.32 -5.71
N VAL A 407 -30.04 17.83 -6.58
CA VAL A 407 -30.81 16.61 -6.34
C VAL A 407 -29.99 15.46 -6.91
N THR A 408 -29.68 14.49 -6.08
CA THR A 408 -28.72 13.45 -6.43
C THR A 408 -29.45 12.22 -6.94
N TRP A 409 -29.02 11.71 -8.11
CA TRP A 409 -29.66 10.57 -8.78
C TRP A 409 -28.57 9.64 -9.32
N PRO A 410 -27.81 8.98 -8.44
CA PRO A 410 -26.72 8.12 -8.90
C PRO A 410 -27.22 6.90 -9.67
N ILE A 411 -26.39 6.42 -10.60
CA ILE A 411 -26.76 5.34 -11.54
C ILE A 411 -25.82 4.15 -11.47
N PHE A 412 -24.51 4.37 -11.66
CA PHE A 412 -23.55 3.27 -11.64
C PHE A 412 -22.18 3.85 -11.29
N ALA A 413 -21.12 3.11 -11.59
CA ALA A 413 -19.73 3.55 -11.35
C ALA A 413 -19.58 3.90 -9.87
N GLU A 414 -18.96 5.03 -9.52
CA GLU A 414 -18.79 5.46 -8.13
C GLU A 414 -19.80 6.53 -7.71
N GLN A 415 -20.90 6.67 -8.45
CA GLN A 415 -21.82 7.80 -8.27
C GLN A 415 -22.54 7.76 -6.92
N PHE A 416 -22.77 6.57 -6.36
CA PHE A 416 -23.42 6.47 -5.05
C PHE A 416 -22.53 6.98 -3.92
N TYR A 417 -21.21 6.82 -4.06
CA TYR A 417 -20.31 7.44 -3.10
C TYR A 417 -20.33 8.96 -3.23
N ASN A 418 -20.32 9.48 -4.47
CA ASN A 418 -20.38 10.92 -4.64
C ASN A 418 -21.66 11.48 -4.05
N GLU A 419 -22.76 10.74 -4.19
CA GLU A 419 -24.02 11.19 -3.60
C GLU A 419 -23.89 11.30 -2.09
N LYS A 420 -23.25 10.32 -1.46
CA LYS A 420 -23.03 10.44 -0.01
C LYS A 420 -22.21 11.68 0.33
N LEU A 421 -21.14 11.95 -0.41
CA LEU A 421 -20.36 13.17 -0.16
C LEU A 421 -21.25 14.41 -0.25
N VAL A 422 -22.06 14.52 -1.30
CA VAL A 422 -22.86 15.73 -1.54
C VAL A 422 -23.91 15.93 -0.45
N ASN A 423 -24.60 14.86 -0.05
CA ASN A 423 -25.76 15.00 0.83
C ASN A 423 -25.37 14.99 2.31
N GLN A 424 -24.46 14.10 2.71
CA GLN A 424 -24.19 13.89 4.12
C GLN A 424 -23.03 14.70 4.63
N ILE A 425 -22.03 14.98 3.80
CA ILE A 425 -20.82 15.66 4.24
C ILE A 425 -20.82 17.12 3.84
N LEU A 426 -21.02 17.41 2.56
CA LEU A 426 -21.10 18.79 2.11
C LEU A 426 -22.44 19.40 2.49
N LYS A 427 -23.48 18.57 2.58
CA LYS A 427 -24.84 18.98 2.90
C LYS A 427 -25.34 20.06 1.94
N ILE A 428 -25.15 19.81 0.64
CA ILE A 428 -25.64 20.73 -0.38
C ILE A 428 -26.62 20.04 -1.34
N GLY A 429 -27.18 18.90 -0.97
CA GLY A 429 -28.06 18.22 -1.88
C GLY A 429 -29.18 17.48 -1.17
N VAL A 430 -30.08 16.93 -2.00
CA VAL A 430 -31.23 16.12 -1.59
C VAL A 430 -31.33 14.89 -2.48
N PRO A 431 -31.51 13.69 -1.93
CA PRO A 431 -31.61 12.49 -2.79
C PRO A 431 -32.96 12.33 -3.47
N VAL A 432 -32.94 11.89 -4.73
CA VAL A 432 -34.18 11.56 -5.42
C VAL A 432 -34.75 10.23 -4.95
N GLY A 433 -33.92 9.36 -4.38
CA GLY A 433 -34.39 8.07 -3.91
C GLY A 433 -33.93 6.90 -4.74
N ALA A 434 -33.13 7.11 -5.78
CA ALA A 434 -32.56 6.00 -6.54
C ALA A 434 -31.50 5.29 -5.70
N ASN A 435 -31.62 3.96 -5.57
CA ASN A 435 -30.65 3.22 -4.77
C ASN A 435 -30.15 1.95 -5.45
N LYS A 436 -30.45 1.74 -6.73
CA LYS A 436 -30.08 0.52 -7.45
C LYS A 436 -28.94 0.80 -8.43
N TRP A 437 -27.77 0.19 -8.18
CA TRP A 437 -26.62 0.25 -9.07
C TRP A 437 -26.85 -0.64 -10.29
N SER A 438 -26.77 -0.08 -11.49
CA SER A 438 -26.80 -0.89 -12.71
C SER A 438 -26.39 -0.03 -13.91
N ARG A 439 -25.77 -0.67 -14.89
CA ARG A 439 -25.43 0.02 -16.14
C ARG A 439 -26.68 0.55 -16.85
N GLU A 440 -27.63 -0.33 -17.17
CA GLU A 440 -28.90 0.06 -17.78
C GLU A 440 -30.03 -0.05 -16.77
N THR A 441 -31.09 0.75 -17.00
CA THR A 441 -32.27 0.73 -16.16
C THR A 441 -33.24 -0.32 -16.68
N SER A 442 -33.58 -1.28 -15.83
CA SER A 442 -34.67 -2.19 -16.11
C SER A 442 -35.99 -1.45 -15.90
N ILE A 443 -37.00 -1.81 -16.71
CA ILE A 443 -38.26 -1.09 -16.62
C ILE A 443 -38.85 -1.22 -15.22
N GLU A 444 -38.52 -2.29 -14.50
CA GLU A 444 -39.11 -2.44 -13.17
C GLU A 444 -38.44 -1.56 -12.12
N ASP A 445 -37.34 -0.88 -12.46
CA ASP A 445 -36.61 -0.03 -11.50
C ASP A 445 -36.81 1.45 -11.73
N VAL A 446 -37.77 1.83 -12.59
CA VAL A 446 -38.01 3.23 -12.91
C VAL A 446 -38.34 4.01 -11.65
N ILE A 447 -37.72 5.18 -11.51
CA ILE A 447 -38.06 6.12 -10.44
C ILE A 447 -39.35 6.86 -10.82
N LYS A 448 -40.32 6.87 -9.90
CA LYS A 448 -41.68 7.29 -10.18
C LYS A 448 -41.90 8.79 -9.95
N LYS A 449 -42.97 9.30 -10.56
CA LYS A 449 -43.31 10.73 -10.54
C LYS A 449 -43.28 11.32 -9.13
N ASP A 450 -43.83 10.60 -8.14
CA ASP A 450 -44.01 11.18 -6.80
C ASP A 450 -42.68 11.45 -6.10
N ALA A 451 -41.74 10.51 -6.16
CA ALA A 451 -40.42 10.72 -5.58
C ALA A 451 -39.72 11.91 -6.21
N ILE A 452 -39.81 12.01 -7.55
CA ILE A 452 -39.13 13.08 -8.26
C ILE A 452 -39.74 14.42 -7.87
N GLU A 453 -41.07 14.50 -7.79
CA GLU A 453 -41.71 15.74 -7.40
C GLU A 453 -41.30 16.14 -5.99
N LYS A 454 -41.24 15.16 -5.08
CA LYS A 454 -40.81 15.41 -3.71
C LYS A 454 -39.42 16.04 -3.66
N ALA A 455 -38.48 15.48 -4.45
CA ALA A 455 -37.13 16.04 -4.46
C ALA A 455 -37.10 17.42 -5.09
N LEU A 456 -37.83 17.62 -6.19
CA LEU A 456 -37.85 18.93 -6.85
C LEU A 456 -38.36 20.01 -5.89
N ARG A 457 -39.40 19.69 -5.13
CA ARG A 457 -39.93 20.66 -4.16
C ARG A 457 -38.94 20.89 -3.01
N GLU A 458 -38.36 19.81 -2.48
CA GLU A 458 -37.45 19.91 -1.34
C GLU A 458 -36.23 20.78 -1.66
N ILE A 459 -35.67 20.63 -2.86
CA ILE A 459 -34.46 21.37 -3.19
C ILE A 459 -34.73 22.85 -3.39
N MET A 460 -35.99 23.22 -3.64
CA MET A 460 -36.32 24.62 -3.84
C MET A 460 -36.84 25.31 -2.58
N VAL A 461 -37.75 24.65 -1.85
CA VAL A 461 -38.45 25.29 -0.74
C VAL A 461 -38.45 24.45 0.51
N GLY A 462 -37.86 23.26 0.47
CA GLY A 462 -37.77 22.39 1.62
C GLY A 462 -36.98 22.92 2.78
N ASP A 463 -36.99 22.14 3.86
CA ASP A 463 -36.16 22.45 5.02
C ASP A 463 -34.69 22.51 4.62
N GLU A 464 -33.99 23.52 5.12
CA GLU A 464 -32.57 23.75 4.88
C GLU A 464 -32.24 24.06 3.42
N ALA A 465 -33.22 24.37 2.58
CA ALA A 465 -32.91 24.72 1.20
C ALA A 465 -32.01 25.94 1.13
N GLU A 466 -32.34 26.98 1.90
CA GLU A 466 -31.51 28.18 1.94
C GLU A 466 -30.14 27.87 2.54
N GLU A 467 -30.09 26.98 3.54
CA GLU A 467 -28.81 26.59 4.11
C GLU A 467 -27.95 25.89 3.07
N ARG A 468 -28.57 25.03 2.26
CA ARG A 468 -27.81 24.38 1.20
C ARG A 468 -27.27 25.40 0.23
N ARG A 469 -28.09 26.40 -0.12
CA ARG A 469 -27.61 27.47 -0.99
C ARG A 469 -26.44 28.23 -0.36
N SER A 470 -26.52 28.51 0.95
CA SER A 470 -25.44 29.22 1.63
C SER A 470 -24.17 28.38 1.70
N ARG A 471 -24.31 27.09 2.04
CA ARG A 471 -23.14 26.21 2.09
C ARG A 471 -22.48 26.07 0.72
N ALA A 472 -23.27 25.97 -0.35
CA ALA A 472 -22.71 25.82 -1.68
C ALA A 472 -21.99 27.09 -2.13
N LYS A 473 -22.49 28.25 -1.69
CA LYS A 473 -21.83 29.51 -2.01
C LYS A 473 -20.44 29.58 -1.37
N LYS A 474 -20.33 29.07 -0.14
CA LYS A 474 -19.04 28.97 0.54
C LYS A 474 -18.08 28.14 -0.30
N LEU A 475 -18.53 26.96 -0.74
CA LEU A 475 -17.68 26.07 -1.51
C LEU A 475 -17.28 26.69 -2.84
N LYS A 476 -18.21 27.41 -3.48
CA LYS A 476 -17.87 28.14 -4.69
C LYS A 476 -16.67 29.07 -4.43
N GLU A 477 -16.76 29.86 -3.35
CA GLU A 477 -15.68 30.79 -3.03
C GLU A 477 -14.38 30.03 -2.82
N MET A 478 -14.46 28.94 -2.05
CA MET A 478 -13.27 28.14 -1.72
C MET A 478 -12.65 27.52 -2.96
N ALA A 479 -13.49 27.07 -3.89
CA ALA A 479 -13.00 26.46 -5.13
C ALA A 479 -12.22 27.47 -5.94
N TRP A 480 -12.78 28.66 -6.14
CA TRP A 480 -12.02 29.67 -6.87
C TRP A 480 -10.74 30.04 -6.12
N LYS A 481 -10.79 30.09 -4.80
CA LYS A 481 -9.59 30.40 -4.01
C LYS A 481 -8.52 29.32 -4.15
N ALA A 482 -8.93 28.06 -4.27
CA ALA A 482 -8.00 26.94 -4.33
C ALA A 482 -7.11 27.01 -5.57
N VAL A 483 -7.66 27.49 -6.68
CA VAL A 483 -6.97 27.40 -7.96
C VAL A 483 -6.17 28.66 -8.29
N GLU A 484 -6.47 29.78 -7.62
CA GLU A 484 -5.70 31.00 -7.81
C GLU A 484 -4.37 30.90 -7.07
N GLU A 485 -3.42 31.74 -7.48
CA GLU A 485 -2.11 31.79 -6.83
C GLU A 485 -2.24 31.80 -5.32
N GLY A 486 -1.39 31.01 -4.66
CA GLY A 486 -1.46 30.84 -3.23
C GLY A 486 -2.49 29.84 -2.74
N GLY A 487 -3.39 29.38 -3.62
CA GLY A 487 -4.38 28.42 -3.19
C GLY A 487 -3.81 27.02 -3.06
N SER A 488 -4.57 26.18 -2.36
CA SER A 488 -4.14 24.81 -2.08
C SER A 488 -3.94 24.02 -3.36
N SER A 489 -4.78 24.23 -4.36
CA SER A 489 -4.64 23.45 -5.59
C SER A 489 -3.50 24.00 -6.43
N TYR A 490 -3.43 25.32 -6.56
CA TYR A 490 -2.27 25.97 -7.17
C TYR A 490 -0.98 25.46 -6.53
N SER A 491 -0.95 25.44 -5.18
CA SER A 491 0.23 25.06 -4.43
C SER A 491 0.59 23.59 -4.62
N ASP A 492 -0.41 22.70 -4.60
CA ASP A 492 -0.12 21.29 -4.83
C ASP A 492 0.37 21.04 -6.25
N LEU A 493 -0.13 21.80 -7.23
CA LEU A 493 0.37 21.63 -8.58
C LEU A 493 1.81 22.10 -8.68
N SER A 494 2.14 23.25 -8.08
CA SER A 494 3.54 23.67 -8.01
C SER A 494 4.40 22.59 -7.34
N ALA A 495 3.93 22.05 -6.21
CA ALA A 495 4.67 21.03 -5.50
C ALA A 495 4.91 19.80 -6.38
N LEU A 496 3.86 19.33 -7.06
CA LEU A 496 3.99 18.16 -7.92
C LEU A 496 4.99 18.41 -9.03
N ILE A 497 4.89 19.55 -9.70
CA ILE A 497 5.77 19.83 -10.83
C ILE A 497 7.22 19.94 -10.35
N GLU A 498 7.44 20.61 -9.21
CA GLU A 498 8.78 20.69 -8.65
C GLU A 498 9.31 19.29 -8.34
N GLU A 499 8.46 18.43 -7.79
CA GLU A 499 8.88 17.06 -7.50
C GLU A 499 9.25 16.31 -8.78
N LEU A 500 8.48 16.51 -9.84
CA LEU A 500 8.78 15.86 -11.12
C LEU A 500 10.09 16.38 -11.70
N ARG A 501 10.37 17.68 -11.54
CA ARG A 501 11.59 18.25 -12.09
C ARG A 501 12.85 17.72 -11.41
N GLY A 502 12.74 17.25 -10.17
CA GLY A 502 13.86 16.75 -9.40
C GLY A 502 13.96 15.23 -9.31
N TYR A 503 13.18 14.50 -10.10
CA TYR A 503 13.10 13.05 -9.97
C TYR A 503 14.36 12.37 -10.50
N HIS A 504 14.93 11.47 -9.70
CA HIS A 504 16.04 10.61 -10.12
C HIS A 504 15.85 9.20 -9.55
N GLN B 27 8.90 -25.58 -16.06
CA GLN B 27 9.61 -25.47 -14.80
C GLN B 27 9.85 -24.02 -14.41
N LEU B 28 9.27 -23.61 -13.29
CA LEU B 28 9.44 -22.26 -12.78
C LEU B 28 10.89 -22.02 -12.37
N HIS B 29 11.35 -20.79 -12.55
CA HIS B 29 12.68 -20.36 -12.14
C HIS B 29 12.58 -19.12 -11.26
N VAL B 30 13.16 -19.19 -10.05
CA VAL B 30 13.18 -18.08 -9.10
C VAL B 30 14.62 -17.74 -8.78
N VAL B 31 14.95 -16.45 -8.81
CA VAL B 31 16.29 -15.95 -8.52
C VAL B 31 16.28 -15.27 -7.16
N PHE B 32 17.28 -15.57 -6.34
CA PHE B 32 17.40 -15.05 -4.98
C PHE B 32 18.61 -14.14 -4.87
N PHE B 33 18.43 -12.97 -4.25
CA PHE B 33 19.47 -11.94 -4.21
C PHE B 33 19.54 -11.36 -2.79
N PRO B 34 20.23 -12.05 -1.88
CA PRO B 34 20.38 -11.54 -0.51
C PRO B 34 21.55 -10.57 -0.39
N ILE B 35 21.46 -9.70 0.62
CA ILE B 35 22.62 -8.91 0.99
C ILE B 35 23.66 -9.83 1.62
N MET B 36 24.94 -9.43 1.54
CA MET B 36 26.04 -10.22 2.06
C MET B 36 26.14 -10.04 3.58
N ALA B 37 25.19 -10.67 4.27
CA ALA B 37 25.16 -10.71 5.73
C ALA B 37 24.70 -12.10 6.12
N HIS B 38 25.41 -12.73 7.07
CA HIS B 38 25.12 -14.13 7.42
C HIS B 38 23.65 -14.33 7.77
N GLY B 39 23.09 -13.38 8.54
CA GLY B 39 21.71 -13.44 9.00
C GLY B 39 20.69 -13.40 7.88
N HIS B 40 21.07 -12.92 6.69
CA HIS B 40 20.21 -13.00 5.52
C HIS B 40 20.62 -14.10 4.55
N MET B 41 21.92 -14.41 4.47
CA MET B 41 22.37 -15.40 3.49
C MET B 41 21.88 -16.79 3.84
N ILE B 42 21.95 -17.18 5.11
CA ILE B 42 21.57 -18.54 5.47
C ILE B 42 20.07 -18.77 5.24
N PRO B 43 19.16 -17.94 5.78
CA PRO B 43 17.73 -18.18 5.48
C PRO B 43 17.40 -18.03 4.01
N THR B 44 18.12 -17.20 3.25
CA THR B 44 17.85 -17.13 1.81
C THR B 44 18.16 -18.46 1.15
N LEU B 45 19.27 -19.10 1.55
CA LEU B 45 19.57 -20.43 1.07
C LEU B 45 18.48 -21.42 1.45
N ASP B 46 17.97 -21.32 2.68
CA ASP B 46 16.89 -22.21 3.06
C ASP B 46 15.63 -21.99 2.23
N ILE B 47 15.31 -20.73 1.91
CA ILE B 47 14.15 -20.45 1.06
C ILE B 47 14.37 -21.04 -0.34
N ALA B 48 15.57 -20.86 -0.86
CA ALA B 48 15.91 -21.47 -2.14
C ALA B 48 15.73 -22.98 -2.09
N ARG B 49 16.14 -23.62 -0.99
CA ARG B 49 15.97 -25.06 -0.84
C ARG B 49 14.50 -25.45 -0.80
N LEU B 50 13.69 -24.69 -0.07
CA LEU B 50 12.25 -24.93 -0.03
C LEU B 50 11.64 -24.84 -1.42
N PHE B 51 12.04 -23.84 -2.21
CA PHE B 51 11.53 -23.74 -3.57
C PHE B 51 12.01 -24.91 -4.43
N ALA B 52 13.28 -25.28 -4.31
CA ALA B 52 13.82 -26.37 -5.12
C ALA B 52 13.13 -27.69 -4.83
N ALA B 53 12.69 -27.89 -3.58
CA ALA B 53 11.96 -29.12 -3.25
C ALA B 53 10.58 -29.17 -3.91
N ARG B 54 10.08 -28.05 -4.42
CA ARG B 54 8.83 -28.02 -5.17
C ARG B 54 9.08 -28.10 -6.68
N ASN B 55 10.26 -28.55 -7.10
CA ASN B 55 10.64 -28.66 -8.50
C ASN B 55 10.71 -27.28 -9.17
N VAL B 56 11.12 -26.26 -8.40
CA VAL B 56 11.36 -24.93 -8.94
C VAL B 56 12.86 -24.74 -9.06
N ARG B 57 13.31 -24.25 -10.22
CA ARG B 57 14.72 -23.91 -10.37
C ARG B 57 15.06 -22.70 -9.53
N ALA B 58 16.10 -22.81 -8.70
CA ALA B 58 16.49 -21.76 -7.76
C ALA B 58 17.94 -21.35 -8.00
N THR B 59 18.17 -20.06 -8.25
CA THR B 59 19.49 -19.48 -8.35
C THR B 59 19.70 -18.43 -7.27
N ILE B 60 20.87 -18.45 -6.62
CA ILE B 60 21.25 -17.49 -5.59
C ILE B 60 22.40 -16.62 -6.11
N ILE B 61 22.25 -15.30 -5.98
CA ILE B 61 23.31 -14.37 -6.37
C ILE B 61 24.18 -14.09 -5.16
N THR B 62 25.49 -14.16 -5.36
CA THR B 62 26.42 -13.88 -4.28
C THR B 62 27.67 -13.24 -4.86
N THR B 63 28.69 -13.08 -4.03
CA THR B 63 29.97 -12.54 -4.45
C THR B 63 31.03 -13.62 -4.24
N PRO B 64 32.19 -13.49 -4.90
CA PRO B 64 33.18 -14.60 -4.82
C PRO B 64 33.57 -14.97 -3.41
N LEU B 65 33.93 -14.01 -2.56
CA LEU B 65 34.41 -14.31 -1.22
C LEU B 65 33.32 -14.83 -0.29
N ASN B 66 32.05 -14.76 -0.70
CA ASN B 66 31.00 -15.37 0.09
C ASN B 66 30.52 -16.70 -0.49
N ALA B 67 30.95 -17.04 -1.71
CA ALA B 67 30.40 -18.21 -2.38
C ALA B 67 30.54 -19.48 -1.52
N HIS B 68 31.67 -19.63 -0.83
CA HIS B 68 31.90 -20.84 -0.04
C HIS B 68 30.78 -21.07 0.97
N THR B 69 30.26 -19.99 1.58
CA THR B 69 29.17 -20.12 2.55
C THR B 69 28.02 -20.93 1.96
N PHE B 70 27.70 -20.71 0.69
CA PHE B 70 26.68 -21.50 0.02
C PHE B 70 27.25 -22.83 -0.45
N THR B 71 28.49 -22.81 -0.96
CA THR B 71 29.12 -23.98 -1.57
C THR B 71 29.07 -25.19 -0.64
N LYS B 72 29.50 -25.00 0.61
CA LYS B 72 29.43 -26.07 1.59
C LYS B 72 28.02 -26.65 1.70
N ALA B 73 27.02 -25.78 1.85
CA ALA B 73 25.68 -26.28 2.16
C ALA B 73 25.05 -27.00 0.97
N ILE B 74 25.44 -26.65 -0.25
CA ILE B 74 24.88 -27.30 -1.43
C ILE B 74 25.53 -28.65 -1.67
N THR B 84 19.49 -29.40 -6.46
CA THR B 84 20.70 -28.67 -6.82
C THR B 84 20.39 -27.19 -6.98
N ILE B 85 20.99 -26.36 -6.14
CA ILE B 85 20.83 -24.90 -6.19
C ILE B 85 22.04 -24.28 -6.88
N HIS B 86 21.76 -23.46 -7.89
CA HIS B 86 22.81 -22.84 -8.69
C HIS B 86 23.22 -21.50 -8.10
N LEU B 87 24.51 -21.18 -8.24
CA LEU B 87 25.07 -19.92 -7.78
C LEU B 87 25.45 -19.05 -8.98
N GLU B 88 25.16 -17.76 -8.86
CA GLU B 88 25.62 -16.75 -9.80
C GLU B 88 26.46 -15.75 -9.02
N LEU B 89 27.69 -15.50 -9.48
CA LEU B 89 28.59 -14.62 -8.75
C LEU B 89 28.65 -13.24 -9.42
N PHE B 90 28.38 -12.20 -8.63
CA PHE B 90 28.57 -10.82 -9.05
C PHE B 90 29.86 -10.29 -8.43
N LYS B 91 30.51 -9.38 -9.15
CA LYS B 91 31.71 -8.74 -8.63
C LYS B 91 31.31 -7.54 -7.77
N PHE B 92 31.84 -7.49 -6.54
CA PHE B 92 31.55 -6.41 -5.61
C PHE B 92 32.60 -5.32 -5.74
N PRO B 93 32.23 -4.08 -6.08
CA PRO B 93 33.22 -3.02 -6.35
C PRO B 93 33.77 -2.39 -5.08
N ALA B 94 34.48 -3.19 -4.28
CA ALA B 94 35.02 -2.72 -3.01
C ALA B 94 36.04 -1.60 -3.20
N GLN B 95 37.06 -1.84 -4.03
CA GLN B 95 38.06 -0.80 -4.32
C GLN B 95 37.40 0.43 -4.92
N ASP B 96 36.44 0.21 -5.82
CA ASP B 96 35.77 1.31 -6.52
C ASP B 96 35.13 2.32 -5.56
N VAL B 97 34.63 1.86 -4.42
CA VAL B 97 33.95 2.74 -3.47
C VAL B 97 34.82 3.07 -2.26
N GLY B 98 36.08 2.65 -2.26
CA GLY B 98 36.98 3.00 -1.18
C GLY B 98 36.93 2.10 0.03
N LEU B 99 36.50 0.86 -0.15
CA LEU B 99 36.51 -0.07 0.98
C LEU B 99 37.84 -0.80 1.06
N PRO B 100 38.25 -1.19 2.27
CA PRO B 100 39.41 -2.09 2.41
C PRO B 100 39.22 -3.33 1.55
N GLU B 101 40.33 -3.80 0.97
CA GLU B 101 40.30 -4.99 0.15
C GLU B 101 39.76 -6.19 0.93
N GLY B 102 38.91 -6.97 0.27
CA GLY B 102 38.34 -8.14 0.91
C GLY B 102 37.13 -7.87 1.78
N CYS B 103 36.63 -6.64 1.80
CA CYS B 103 35.48 -6.27 2.63
C CYS B 103 34.22 -6.46 1.80
N GLU B 104 33.67 -7.67 1.84
CA GLU B 104 32.50 -8.04 1.04
C GLU B 104 31.29 -8.39 1.89
N ASN B 105 31.21 -7.89 3.13
CA ASN B 105 30.29 -8.46 4.10
C ASN B 105 29.76 -7.36 5.03
N LEU B 106 28.43 -7.33 5.23
CA LEU B 106 27.79 -6.23 5.97
C LEU B 106 28.29 -6.15 7.40
N GLU B 107 28.64 -7.28 8.02
CA GLU B 107 29.10 -7.27 9.40
C GLU B 107 30.39 -6.49 9.55
N GLN B 108 31.21 -6.43 8.50
CA GLN B 108 32.50 -5.76 8.53
C GLN B 108 32.39 -4.26 8.35
N ALA B 109 31.19 -3.72 8.15
CA ALA B 109 30.99 -2.28 7.93
C ALA B 109 30.68 -1.61 9.26
N LEU B 110 31.74 -1.33 10.02
CA LEU B 110 31.62 -0.65 11.30
C LEU B 110 31.85 0.84 11.10
N GLY B 111 30.89 1.65 11.54
CA GLY B 111 31.10 3.08 11.46
C GLY B 111 30.36 3.69 10.30
N SER B 112 30.05 4.98 10.43
CA SER B 112 29.31 5.70 9.39
C SER B 112 30.02 5.58 8.04
N SER B 113 31.34 5.79 8.03
CA SER B 113 32.11 5.75 6.79
C SER B 113 32.02 4.39 6.10
N LEU B 114 32.42 3.33 6.82
CA LEU B 114 32.40 1.99 6.23
C LEU B 114 31.00 1.57 5.82
N ILE B 115 30.00 1.88 6.63
CA ILE B 115 28.64 1.43 6.32
C ILE B 115 28.10 2.16 5.08
N GLU B 116 28.34 3.48 4.96
CA GLU B 116 27.87 4.18 3.78
C GLU B 116 28.62 3.74 2.52
N LYS B 117 29.91 3.43 2.66
CA LYS B 117 30.64 2.93 1.49
C LYS B 117 30.13 1.56 1.08
N PHE B 118 29.84 0.69 2.05
CA PHE B 118 29.27 -0.62 1.75
C PHE B 118 27.93 -0.48 1.02
N PHE B 119 27.09 0.46 1.46
CA PHE B 119 25.79 0.60 0.82
C PHE B 119 25.90 1.20 -0.58
N LYS B 120 26.82 2.14 -0.81
CA LYS B 120 27.10 2.56 -2.18
C LYS B 120 27.53 1.37 -3.03
N GLY B 121 28.42 0.53 -2.48
CA GLY B 121 28.88 -0.65 -3.19
C GLY B 121 27.74 -1.57 -3.60
N VAL B 122 26.85 -1.88 -2.66
CA VAL B 122 25.78 -2.83 -2.99
C VAL B 122 24.80 -2.18 -3.97
N GLY B 123 24.57 -0.87 -3.85
CA GLY B 123 23.79 -0.16 -4.85
C GLY B 123 24.38 -0.27 -6.24
N LEU B 124 25.70 -0.38 -6.34
CA LEU B 124 26.32 -0.51 -7.66
C LEU B 124 26.26 -1.91 -8.25
N LEU B 125 25.56 -2.86 -7.61
CA LEU B 125 25.31 -4.17 -8.21
C LEU B 125 24.12 -4.17 -9.16
N ARG B 126 23.43 -3.03 -9.28
CA ARG B 126 22.20 -2.94 -10.06
C ARG B 126 22.42 -3.30 -11.53
N GLU B 127 23.52 -2.82 -12.12
CA GLU B 127 23.75 -3.10 -13.53
C GLU B 127 23.94 -4.59 -13.77
N GLN B 128 24.73 -5.24 -12.92
CA GLN B 128 24.89 -6.69 -13.05
C GLN B 128 23.58 -7.41 -12.84
N LEU B 129 22.77 -6.96 -11.88
CA LEU B 129 21.48 -7.61 -11.66
C LEU B 129 20.61 -7.50 -12.91
N GLU B 130 20.52 -6.30 -13.49
CA GLU B 130 19.63 -6.10 -14.62
C GLU B 130 20.12 -6.86 -15.84
N ALA B 131 21.44 -6.93 -16.03
CA ALA B 131 21.98 -7.74 -17.11
C ALA B 131 21.65 -9.21 -16.91
N TYR B 132 21.77 -9.69 -15.69
CA TYR B 132 21.47 -11.09 -15.41
C TYR B 132 20.01 -11.41 -15.62
N LEU B 133 19.11 -10.50 -15.19
CA LEU B 133 17.68 -10.71 -15.37
C LEU B 133 17.31 -10.69 -16.85
N GLU B 134 17.82 -9.71 -17.59
CA GLU B 134 17.60 -9.64 -19.03
C GLU B 134 18.07 -10.92 -19.72
N LYS B 135 19.21 -11.45 -19.29
CA LYS B 135 19.74 -12.68 -19.88
C LYS B 135 18.89 -13.90 -19.52
N THR B 136 18.50 -14.02 -18.24
CA THR B 136 17.95 -15.26 -17.70
C THR B 136 16.43 -15.32 -17.67
N ARG B 137 15.77 -14.16 -17.59
CA ARG B 137 14.31 -14.08 -17.63
C ARG B 137 13.63 -15.01 -16.61
N PRO B 138 13.95 -14.91 -15.33
CA PRO B 138 13.28 -15.76 -14.35
C PRO B 138 11.83 -15.32 -14.15
N ASN B 139 11.06 -16.20 -13.53
CA ASN B 139 9.66 -15.89 -13.24
C ASN B 139 9.51 -15.01 -12.01
N CYS B 140 10.51 -14.97 -11.14
CA CYS B 140 10.40 -14.17 -9.93
C CYS B 140 11.79 -13.84 -9.41
N LEU B 141 11.92 -12.64 -8.84
CA LEU B 141 13.13 -12.21 -8.14
C LEU B 141 12.78 -12.03 -6.67
N VAL B 142 13.41 -12.78 -5.78
CA VAL B 142 13.31 -12.57 -4.34
C VAL B 142 14.56 -11.79 -3.91
N ALA B 143 14.38 -10.52 -3.56
CA ALA B 143 15.53 -9.67 -3.27
C ALA B 143 15.48 -9.15 -1.84
N ASP B 144 16.68 -8.96 -1.29
CA ASP B 144 16.87 -8.46 0.07
C ASP B 144 16.15 -7.12 0.29
N MET B 145 15.64 -6.95 1.51
CA MET B 145 15.07 -5.67 1.94
C MET B 145 16.01 -4.50 1.64
N PHE B 146 17.31 -4.71 1.73
CA PHE B 146 18.26 -3.61 1.55
C PHE B 146 18.43 -3.22 0.09
N PHE B 147 17.69 -3.85 -0.83
CA PHE B 147 17.72 -3.53 -2.26
C PHE B 147 16.36 -3.03 -2.74
N PRO B 148 15.92 -1.85 -2.30
CA PRO B 148 14.59 -1.38 -2.76
C PRO B 148 14.51 -1.23 -4.27
N TRP B 149 15.61 -0.76 -4.87
CA TRP B 149 15.69 -0.56 -6.31
C TRP B 149 15.51 -1.84 -7.10
N ALA B 150 15.69 -3.00 -6.46
CA ALA B 150 15.52 -4.25 -7.18
C ALA B 150 14.12 -4.38 -7.75
N THR B 151 13.13 -3.77 -7.08
CA THR B 151 11.79 -3.83 -7.65
C THR B 151 11.79 -3.29 -9.07
N ASP B 152 12.38 -2.11 -9.25
CA ASP B 152 12.38 -1.50 -10.56
C ASP B 152 13.22 -2.33 -11.52
N SER B 153 14.33 -2.89 -11.03
CA SER B 153 15.16 -3.72 -11.88
C SER B 153 14.38 -4.88 -12.45
N ALA B 154 13.50 -5.48 -11.63
CA ALA B 154 12.71 -6.59 -12.16
C ALA B 154 11.57 -6.09 -13.04
N ALA B 155 11.00 -4.93 -12.69
CA ALA B 155 9.90 -4.40 -13.48
C ALA B 155 10.32 -4.11 -14.92
N LYS B 156 11.59 -3.76 -15.13
CA LYS B 156 12.10 -3.54 -16.49
C LYS B 156 11.84 -4.74 -17.40
N PHE B 157 11.71 -5.94 -16.82
CA PHE B 157 11.51 -7.15 -17.61
C PHE B 157 10.21 -7.85 -17.24
N ASN B 158 9.29 -7.12 -16.61
CA ASN B 158 7.98 -7.63 -16.21
C ASN B 158 8.13 -8.87 -15.35
N ILE B 159 9.09 -8.82 -14.44
CA ILE B 159 9.36 -9.89 -13.48
C ILE B 159 8.86 -9.41 -12.12
N PRO B 160 8.01 -10.19 -11.44
CA PRO B 160 7.60 -9.79 -10.09
C PRO B 160 8.75 -9.95 -9.10
N ARG B 161 8.87 -8.99 -8.20
CA ARG B 161 9.88 -8.98 -7.16
C ARG B 161 9.21 -9.14 -5.80
N LEU B 162 9.78 -10.01 -4.97
CA LEU B 162 9.38 -10.17 -3.58
C LEU B 162 10.47 -9.60 -2.69
N VAL B 163 10.05 -9.02 -1.56
CA VAL B 163 10.99 -8.51 -0.57
C VAL B 163 11.20 -9.57 0.50
N PHE B 164 12.46 -9.82 0.86
CA PHE B 164 12.76 -10.66 2.02
C PHE B 164 13.57 -9.87 3.04
N HIS B 165 13.08 -9.83 4.29
CA HIS B 165 13.73 -9.11 5.37
C HIS B 165 14.46 -10.01 6.36
N GLY B 166 14.04 -11.26 6.50
CA GLY B 166 14.63 -12.15 7.50
C GLY B 166 14.23 -11.85 8.93
N THR B 167 13.06 -11.25 9.18
CA THR B 167 12.65 -10.91 10.55
C THR B 167 11.17 -11.26 10.75
N SER B 168 10.65 -10.95 11.93
CA SER B 168 9.31 -11.33 12.31
C SER B 168 8.27 -10.36 11.73
N PHE B 169 7.02 -10.85 11.62
CA PHE B 169 5.92 -9.94 11.30
C PHE B 169 5.86 -8.80 12.30
N PHE B 170 6.06 -9.12 13.58
CA PHE B 170 5.93 -8.08 14.61
C PHE B 170 6.90 -6.94 14.32
N SER B 171 8.16 -7.25 14.02
CA SER B 171 9.14 -6.20 13.77
C SER B 171 8.83 -5.40 12.49
N LEU B 172 8.42 -6.08 11.42
CA LEU B 172 7.97 -5.40 10.21
C LEU B 172 6.89 -4.37 10.52
N CYS B 173 5.93 -4.78 11.36
CA CYS B 173 4.82 -3.90 11.71
C CYS B 173 5.26 -2.76 12.61
N ALA B 174 6.05 -3.08 13.64
CA ALA B 174 6.45 -2.10 14.63
C ALA B 174 7.34 -1.04 14.01
N LEU B 175 8.30 -1.45 13.18
CA LEU B 175 9.15 -0.49 12.48
C LEU B 175 8.29 0.44 11.62
N GLU B 176 7.29 -0.12 10.94
CA GLU B 176 6.49 0.75 10.07
C GLU B 176 5.61 1.71 10.86
N VAL B 177 5.00 1.28 11.97
CA VAL B 177 4.17 2.22 12.72
C VAL B 177 5.03 3.29 13.39
N VAL B 178 6.25 2.94 13.82
CA VAL B 178 7.14 3.97 14.36
C VAL B 178 7.53 4.96 13.28
N ARG B 179 7.82 4.47 12.07
CA ARG B 179 8.22 5.37 10.99
C ARG B 179 7.08 6.30 10.60
N LEU B 180 5.86 5.78 10.55
CA LEU B 180 4.75 6.57 10.05
C LEU B 180 4.24 7.54 11.08
N TYR B 181 4.19 7.14 12.35
CA TYR B 181 3.57 7.98 13.37
C TYR B 181 4.58 8.72 14.23
N GLU B 182 5.87 8.36 14.17
CA GLU B 182 6.94 8.99 14.95
C GLU B 182 6.50 9.25 16.39
N PRO B 183 6.00 8.24 17.12
CA PRO B 183 5.47 8.50 18.47
C PRO B 183 6.54 8.94 19.46
N HIS B 184 7.81 8.86 19.11
CA HIS B 184 8.90 9.38 19.94
C HIS B 184 9.05 10.89 19.85
N LYS B 185 8.28 11.56 18.98
CA LYS B 185 8.27 13.02 18.99
C LYS B 185 7.51 13.57 20.19
N ASN B 186 6.59 12.78 20.75
CA ASN B 186 5.70 13.22 21.81
C ASN B 186 6.28 13.05 23.21
N VAL B 187 7.60 12.92 23.34
CA VAL B 187 8.22 12.67 24.63
C VAL B 187 9.28 13.72 24.91
N SER B 188 9.63 13.85 26.19
CA SER B 188 10.54 14.87 26.66
C SER B 188 11.82 14.34 27.28
N SER B 189 11.93 13.02 27.49
CA SER B 189 13.10 12.43 28.12
C SER B 189 13.47 11.14 27.41
N ASP B 190 14.72 10.72 27.58
CA ASP B 190 15.21 9.53 26.91
C ASP B 190 14.47 8.28 27.33
N GLU B 191 13.94 8.25 28.55
CA GLU B 191 13.32 7.06 29.12
C GLU B 191 11.80 7.15 29.21
N GLU B 192 11.20 8.27 28.77
CA GLU B 192 9.76 8.40 28.80
C GLU B 192 9.12 7.37 27.88
N LEU B 193 8.15 6.64 28.39
CA LEU B 193 7.51 5.57 27.64
C LEU B 193 6.43 6.11 26.72
N PHE B 194 6.42 5.63 25.48
CA PHE B 194 5.35 5.92 24.55
C PHE B 194 4.82 4.59 24.02
N SER B 195 3.53 4.57 23.69
CA SER B 195 2.89 3.39 23.15
C SER B 195 3.00 3.39 21.64
N LEU B 196 3.06 2.18 21.06
CA LEU B 196 3.02 2.07 19.61
C LEU B 196 1.57 2.21 19.16
N PRO B 197 1.25 3.18 18.33
CA PRO B 197 -0.14 3.33 17.87
C PRO B 197 -0.66 2.08 17.15
N LEU B 198 -1.98 1.91 17.19
CA LEU B 198 -2.74 0.99 16.34
C LEU B 198 -2.69 -0.47 16.76
N PHE B 199 -1.64 -0.88 17.47
CA PHE B 199 -1.44 -2.31 17.73
C PHE B 199 -2.50 -2.86 18.68
N PRO B 200 -2.85 -4.14 18.53
CA PRO B 200 -3.78 -4.78 19.48
C PRO B 200 -3.16 -5.07 20.84
N HIS B 201 -1.85 -4.96 20.96
CA HIS B 201 -1.18 -4.99 22.25
C HIS B 201 -0.64 -3.60 22.54
N ASP B 202 -0.58 -3.25 23.83
CA ASP B 202 -0.03 -1.96 24.23
C ASP B 202 1.48 -2.11 24.40
N ILE B 203 2.21 -1.77 23.36
CA ILE B 203 3.67 -1.90 23.35
C ILE B 203 4.28 -0.58 23.77
N LYS B 204 4.99 -0.58 24.90
CA LYS B 204 5.61 0.63 25.41
C LYS B 204 7.09 0.59 25.09
N MET B 205 7.61 1.70 24.58
CA MET B 205 9.04 1.81 24.26
C MET B 205 9.51 3.19 24.68
N MET B 206 10.84 3.35 24.71
CA MET B 206 11.45 4.64 25.02
C MET B 206 12.38 4.99 23.87
N ARG B 207 12.74 6.29 23.79
CA ARG B 207 13.63 6.76 22.74
C ARG B 207 14.95 6.00 22.75
N LEU B 208 15.43 5.62 23.94
CA LEU B 208 16.72 4.94 24.04
C LEU B 208 16.76 3.67 23.20
N GLN B 209 15.61 3.05 22.96
CA GLN B 209 15.52 1.79 22.21
C GLN B 209 15.47 1.99 20.71
N LEU B 210 15.47 3.24 20.23
CA LEU B 210 15.51 3.57 18.82
C LEU B 210 16.89 4.12 18.46
N PRO B 211 17.36 3.91 17.23
CA PRO B 211 18.68 4.44 16.85
C PRO B 211 18.69 5.96 16.97
N GLU B 212 19.81 6.49 17.47
CA GLU B 212 19.93 7.94 17.66
C GLU B 212 19.67 8.72 16.38
N ASP B 213 20.05 8.16 15.23
CA ASP B 213 19.80 8.82 13.94
C ASP B 213 18.33 9.16 13.72
N VAL B 214 17.42 8.51 14.45
CA VAL B 214 16.00 8.73 14.24
C VAL B 214 15.43 9.79 15.18
N TRP B 215 15.97 9.91 16.40
CA TRP B 215 15.38 10.76 17.40
C TRP B 215 16.29 11.85 17.97
N LYS B 216 17.61 11.76 17.74
CA LYS B 216 18.54 12.74 18.28
C LYS B 216 19.06 13.70 17.22
N HIS B 217 19.78 13.20 16.24
CA HIS B 217 20.35 14.01 15.16
C HIS B 217 19.98 13.35 13.83
N GLU B 218 18.90 13.82 13.22
CA GLU B 218 18.38 13.23 11.99
C GLU B 218 19.39 13.33 10.86
N LYS B 219 19.84 12.18 10.35
CA LYS B 219 20.65 12.09 9.14
C LYS B 219 19.76 11.64 7.98
N ALA B 220 19.57 12.54 7.01
CA ALA B 220 18.76 12.29 5.82
C ALA B 220 19.03 10.93 5.17
N GLU B 221 20.27 10.44 5.20
CA GLU B 221 20.60 9.21 4.50
C GLU B 221 19.93 7.99 5.11
N GLY B 222 20.11 7.77 6.42
CA GLY B 222 19.43 6.67 7.07
C GLY B 222 17.93 6.74 6.95
N LYS B 223 17.38 7.96 7.07
CA LYS B 223 15.93 8.14 6.98
C LYS B 223 15.42 7.79 5.59
N THR B 224 16.13 8.25 4.55
CA THR B 224 15.75 7.91 3.19
C THR B 224 15.91 6.42 2.92
N ARG B 225 16.99 5.81 3.43
CA ARG B 225 17.16 4.36 3.28
C ARG B 225 15.98 3.61 3.87
N LEU B 226 15.60 3.95 5.10
CA LEU B 226 14.48 3.26 5.73
C LEU B 226 13.18 3.52 4.97
N LYS B 227 12.96 4.76 4.53
CA LYS B 227 11.76 5.08 3.78
C LYS B 227 11.66 4.22 2.53
N LEU B 228 12.76 4.12 1.76
CA LEU B 228 12.73 3.34 0.53
C LEU B 228 12.53 1.86 0.82
N ILE B 229 13.13 1.35 1.90
CA ILE B 229 12.96 -0.06 2.26
C ILE B 229 11.49 -0.35 2.55
N LYS B 230 10.87 0.46 3.43
CA LYS B 230 9.49 0.16 3.81
C LYS B 230 8.54 0.38 2.65
N GLU B 231 8.79 1.42 1.83
CA GLU B 231 7.96 1.61 0.66
C GLU B 231 8.06 0.46 -0.32
N SER B 232 9.24 -0.18 -0.41
CA SER B 232 9.38 -1.32 -1.32
C SER B 232 8.43 -2.45 -0.97
N GLU B 233 7.95 -2.53 0.28
CA GLU B 233 7.03 -3.59 0.63
C GLU B 233 5.70 -3.45 -0.10
N LEU B 234 5.28 -2.21 -0.34
CA LEU B 234 4.03 -1.95 -1.06
C LEU B 234 4.28 -1.78 -2.56
N LYS B 235 5.46 -1.30 -2.94
CA LYS B 235 5.75 -1.09 -4.36
C LYS B 235 5.99 -2.40 -5.09
N SER B 236 6.41 -3.44 -4.36
CA SER B 236 6.74 -4.73 -4.95
C SER B 236 5.52 -5.62 -5.05
N TYR B 237 5.72 -6.82 -5.62
CA TYR B 237 4.64 -7.78 -5.72
C TYR B 237 4.20 -8.27 -4.34
N GLY B 238 5.13 -8.36 -3.40
CA GLY B 238 4.78 -8.78 -2.06
C GLY B 238 6.03 -9.07 -1.23
N VAL B 239 5.79 -9.64 -0.06
CA VAL B 239 6.84 -9.86 0.95
C VAL B 239 6.80 -11.32 1.35
N ILE B 240 7.97 -11.99 1.31
CA ILE B 240 8.10 -13.33 1.87
C ILE B 240 8.63 -13.21 3.29
N VAL B 241 8.02 -13.91 4.23
CA VAL B 241 8.32 -13.72 5.65
C VAL B 241 8.78 -15.05 6.27
N ASN B 242 9.93 -15.02 6.95
CA ASN B 242 10.43 -16.18 7.67
C ASN B 242 9.81 -16.23 9.07
N SER B 243 8.53 -16.57 9.07
CA SER B 243 7.77 -16.74 10.30
C SER B 243 6.62 -17.70 10.00
N PHE B 244 5.85 -18.06 11.04
CA PHE B 244 4.66 -18.86 10.77
C PHE B 244 3.44 -18.18 11.39
N TYR B 245 2.31 -18.33 10.69
CA TYR B 245 1.09 -17.61 11.04
C TYR B 245 0.74 -17.78 12.50
N GLU B 246 0.78 -19.02 12.99
CA GLU B 246 0.32 -19.35 14.34
C GLU B 246 1.23 -18.79 15.42
N LEU B 247 2.46 -18.41 15.06
CA LEU B 247 3.37 -17.78 16.02
C LEU B 247 2.90 -16.38 16.41
N GLU B 248 2.46 -15.59 15.44
CA GLU B 248 2.14 -14.19 15.67
C GLU B 248 0.96 -13.79 14.79
N PRO B 249 -0.20 -14.41 15.00
CA PRO B 249 -1.33 -14.19 14.07
C PRO B 249 -1.82 -12.75 14.00
N ASN B 250 -1.83 -12.04 15.13
CA ASN B 250 -2.26 -10.64 15.11
C ASN B 250 -1.40 -9.81 14.17
N TYR B 251 -0.11 -10.15 14.06
CA TYR B 251 0.79 -9.35 13.25
C TYR B 251 0.92 -9.87 11.83
N ALA B 252 0.78 -11.18 11.62
CA ALA B 252 0.55 -11.69 10.27
C ALA B 252 -0.65 -11.02 9.63
N GLU B 253 -1.71 -10.77 10.42
CA GLU B 253 -2.88 -10.08 9.89
C GLU B 253 -2.63 -8.59 9.74
N PHE B 254 -2.06 -7.96 10.78
CA PHE B 254 -1.85 -6.52 10.78
C PHE B 254 -1.01 -6.09 9.58
N PHE B 255 0.01 -6.88 9.24
CA PHE B 255 0.88 -6.53 8.12
C PHE B 255 0.11 -6.49 6.81
N ARG B 256 -0.86 -7.39 6.65
CA ARG B 256 -1.64 -7.53 5.42
C ARG B 256 -2.83 -6.59 5.37
N LYS B 257 -3.46 -6.35 6.51
CA LYS B 257 -4.70 -5.57 6.57
C LYS B 257 -4.39 -4.10 6.84
N GLU B 258 -4.02 -3.79 8.09
CA GLU B 258 -3.79 -2.40 8.46
C GLU B 258 -2.65 -1.77 7.69
N LEU B 259 -1.62 -2.56 7.32
CA LEU B 259 -0.48 -2.02 6.60
C LEU B 259 -0.53 -2.34 5.11
N GLY B 260 -1.49 -3.17 4.68
CA GLY B 260 -1.81 -3.34 3.28
C GLY B 260 -0.86 -4.17 2.45
N ARG B 261 0.05 -4.90 3.07
CA ARG B 261 1.03 -5.68 2.31
C ARG B 261 0.46 -7.01 1.84
N ARG B 262 0.94 -7.46 0.68
CA ARG B 262 0.77 -8.82 0.24
C ARG B 262 1.93 -9.65 0.79
N ALA B 263 1.63 -10.72 1.52
CA ALA B 263 2.70 -11.48 2.19
C ALA B 263 2.42 -12.97 2.21
N TRP B 264 3.50 -13.76 2.30
CA TRP B 264 3.43 -15.20 2.52
C TRP B 264 4.33 -15.58 3.69
N ASN B 265 3.79 -16.34 4.64
CA ASN B 265 4.56 -16.84 5.77
C ASN B 265 4.95 -18.28 5.50
N ILE B 266 6.26 -18.54 5.39
CA ILE B 266 6.73 -19.84 4.97
C ILE B 266 7.77 -20.42 5.92
N GLY B 267 7.91 -19.85 7.11
CA GLY B 267 8.96 -20.26 8.01
C GLY B 267 8.46 -21.17 9.13
N PRO B 268 9.36 -21.56 10.06
CA PRO B 268 10.80 -21.24 10.08
C PRO B 268 11.51 -21.96 8.96
N VAL B 269 12.21 -21.24 8.09
CA VAL B 269 12.68 -21.86 6.85
C VAL B 269 13.80 -22.87 7.11
N SER B 270 14.49 -22.78 8.25
CA SER B 270 15.59 -23.70 8.53
C SER B 270 15.12 -25.13 8.74
N LEU B 271 13.83 -25.33 9.04
CA LEU B 271 13.34 -26.69 9.27
C LEU B 271 13.23 -27.48 7.97
N CYS B 272 13.26 -26.80 6.83
CA CYS B 272 13.31 -27.42 5.49
C CYS B 272 14.14 -28.70 5.44
N ASN B 273 15.45 -28.58 5.67
CA ASN B 273 16.33 -29.75 5.60
C ASN B 273 16.39 -30.49 6.93
N ARG B 274 15.23 -30.98 7.37
CA ARG B 274 15.07 -31.86 8.55
C ARG B 274 13.60 -32.05 8.87
N GLU B 290 30.04 -36.79 18.38
CA GLU B 290 29.48 -35.59 17.75
C GLU B 290 30.31 -34.31 18.00
N HIS B 291 29.90 -33.49 18.96
CA HIS B 291 30.66 -32.34 19.43
C HIS B 291 31.01 -32.52 20.90
N GLU B 292 32.13 -31.94 21.32
CA GLU B 292 32.54 -32.08 22.71
C GLU B 292 31.55 -31.41 23.66
N CYS B 293 30.95 -30.29 23.25
CA CYS B 293 30.02 -29.62 24.16
C CYS B 293 28.73 -30.43 24.33
N LEU B 294 28.32 -31.17 23.31
CA LEU B 294 27.13 -32.01 23.45
C LEU B 294 27.41 -33.22 24.34
N LYS B 295 28.61 -33.81 24.24
CA LYS B 295 29.00 -34.85 25.18
C LYS B 295 29.07 -34.31 26.61
N TRP B 296 29.57 -33.09 26.76
CA TRP B 296 29.56 -32.42 28.06
C TRP B 296 28.13 -32.28 28.60
N LEU B 297 27.17 -32.03 27.69
CA LEU B 297 25.77 -31.86 28.10
C LEU B 297 25.10 -33.18 28.45
N ASN B 298 25.51 -34.28 27.81
CA ASN B 298 24.84 -35.56 28.01
C ASN B 298 24.73 -35.97 29.48
N SER B 299 25.67 -35.57 30.31
CA SER B 299 25.68 -35.99 31.70
C SER B 299 24.68 -35.26 32.58
N LYS B 300 23.94 -34.29 32.04
CA LYS B 300 23.31 -33.27 32.87
C LYS B 300 21.78 -33.40 32.85
N LYS B 301 21.17 -32.90 33.94
CA LYS B 301 19.72 -32.99 34.11
C LYS B 301 18.98 -32.16 33.08
N LYS B 302 17.77 -32.61 32.75
CA LYS B 302 16.89 -31.88 31.84
C LYS B 302 16.68 -30.43 32.27
N ASN B 303 16.80 -29.51 31.30
CA ASN B 303 16.50 -28.08 31.51
C ASN B 303 17.36 -27.43 32.58
N SER B 304 18.59 -27.90 32.76
CA SER B 304 19.42 -27.42 33.86
C SER B 304 20.57 -26.51 33.44
N VAL B 305 20.82 -26.33 32.14
CA VAL B 305 21.96 -25.54 31.66
C VAL B 305 21.45 -24.35 30.84
N ILE B 306 22.12 -23.20 30.98
CA ILE B 306 21.80 -21.98 30.25
C ILE B 306 22.80 -21.82 29.11
N TYR B 307 22.30 -21.56 27.92
CA TYR B 307 23.14 -21.30 26.76
C TYR B 307 23.15 -19.79 26.49
N ILE B 308 24.33 -19.21 26.30
CA ILE B 308 24.49 -17.78 26.09
C ILE B 308 25.21 -17.56 24.76
N CYS B 309 24.57 -16.83 23.84
CA CYS B 309 25.24 -16.55 22.57
C CYS B 309 24.62 -15.30 21.95
N PHE B 310 25.46 -14.39 21.46
CA PHE B 310 25.00 -13.12 20.95
C PHE B 310 25.03 -13.06 19.42
N GLY B 311 25.01 -14.21 18.75
CA GLY B 311 24.82 -14.25 17.31
C GLY B 311 26.10 -14.07 16.51
N SER B 312 25.90 -13.73 15.24
CA SER B 312 27.02 -13.56 14.30
C SER B 312 27.64 -12.17 14.41
N THR B 313 26.81 -11.15 14.59
CA THR B 313 27.22 -9.75 14.69
C THR B 313 27.76 -9.37 16.07
N ALA B 314 27.98 -10.34 16.96
CA ALA B 314 28.42 -10.08 18.33
C ALA B 314 29.68 -9.22 18.36
N HIS B 315 29.56 -8.03 18.92
CA HIS B 315 30.66 -7.08 19.06
C HIS B 315 30.66 -6.64 20.52
N GLN B 316 31.36 -7.39 21.38
CA GLN B 316 31.22 -7.28 22.83
C GLN B 316 32.52 -6.88 23.51
N ILE B 317 32.44 -5.93 24.44
CA ILE B 317 33.63 -5.36 25.08
C ILE B 317 33.95 -6.07 26.38
N ALA B 318 35.22 -6.02 26.76
CA ALA B 318 35.72 -6.71 27.94
C ALA B 318 34.96 -6.40 29.23
N PRO B 319 34.64 -5.13 29.58
CA PRO B 319 33.87 -4.91 30.81
C PRO B 319 32.53 -5.63 30.84
N GLN B 320 31.86 -5.73 29.68
CA GLN B 320 30.59 -6.44 29.63
C GLN B 320 30.78 -7.94 29.86
N LEU B 321 31.77 -8.54 29.18
CA LEU B 321 32.06 -9.95 29.42
C LEU B 321 32.39 -10.20 30.89
N TYR B 322 33.06 -9.24 31.54
CA TYR B 322 33.38 -9.40 32.96
C TYR B 322 32.11 -9.44 33.81
N GLU B 323 31.18 -8.51 33.55
CA GLU B 323 29.93 -8.53 34.31
C GLU B 323 29.18 -9.84 34.09
N ILE B 324 29.20 -10.35 32.85
CA ILE B 324 28.53 -11.63 32.57
C ILE B 324 29.18 -12.76 33.37
N ALA B 325 30.52 -12.81 33.38
CA ALA B 325 31.21 -13.87 34.12
C ALA B 325 30.85 -13.85 35.60
N MET B 326 30.91 -12.65 36.22
CA MET B 326 30.55 -12.55 37.63
C MET B 326 29.11 -12.98 37.87
N ALA B 327 28.20 -12.59 36.97
CA ALA B 327 26.80 -12.96 37.12
C ALA B 327 26.58 -14.46 37.01
N LEU B 328 27.27 -15.10 36.06
CA LEU B 328 27.12 -16.54 35.88
C LEU B 328 27.60 -17.27 37.11
N GLU B 329 28.74 -16.83 37.67
CA GLU B 329 29.24 -17.45 38.89
C GLU B 329 28.28 -17.22 40.06
N ALA B 330 27.78 -16.00 40.21
CA ALA B 330 26.89 -15.68 41.33
C ALA B 330 25.55 -16.40 41.23
N SER B 331 25.07 -16.68 40.00
CA SER B 331 23.76 -17.28 39.83
C SER B 331 23.72 -18.75 40.22
N GLY B 332 24.87 -19.41 40.26
CA GLY B 332 24.93 -20.84 40.51
C GLY B 332 24.41 -21.72 39.39
N GLN B 333 23.95 -21.15 38.28
CA GLN B 333 23.40 -21.94 37.18
C GLN B 333 24.53 -22.46 36.31
N GLU B 334 24.39 -23.70 35.87
CA GLU B 334 25.33 -24.24 34.89
C GLU B 334 25.08 -23.61 33.52
N PHE B 335 26.15 -23.51 32.73
CA PHE B 335 26.07 -22.68 31.53
C PHE B 335 27.04 -23.15 30.44
N ILE B 336 26.66 -22.87 29.20
CA ILE B 336 27.55 -22.88 28.04
C ILE B 336 27.56 -21.47 27.47
N TRP B 337 28.72 -20.82 27.48
CA TRP B 337 28.85 -19.40 27.16
C TRP B 337 29.73 -19.25 25.92
N VAL B 338 29.15 -18.70 24.85
CA VAL B 338 29.87 -18.53 23.59
C VAL B 338 30.44 -17.12 23.57
N VAL B 339 31.76 -17.01 23.40
N VAL B 339 31.77 -17.01 23.44
CA VAL B 339 32.42 -15.71 23.36
CA VAL B 339 32.44 -15.71 23.45
C VAL B 339 33.11 -15.50 22.01
C VAL B 339 33.08 -15.40 22.10
N ASP B 351 43.21 -11.86 33.87
CA ASP B 351 42.72 -11.66 32.51
C ASP B 351 41.99 -10.33 32.40
N SER B 352 41.81 -9.84 31.17
CA SER B 352 41.17 -8.55 30.94
C SER B 352 39.66 -8.61 31.03
N TRP B 353 39.06 -9.81 31.11
CA TRP B 353 37.61 -9.92 31.12
C TRP B 353 37.08 -11.05 31.99
N LEU B 354 37.94 -11.85 32.62
CA LEU B 354 37.48 -12.90 33.51
C LEU B 354 37.99 -12.68 34.92
N PRO B 355 37.20 -12.98 35.94
CA PRO B 355 37.73 -13.05 37.30
C PRO B 355 38.83 -14.10 37.41
N ARG B 356 39.82 -13.82 38.26
CA ARG B 356 40.92 -14.74 38.46
C ARG B 356 40.40 -16.08 38.98
N GLY B 357 40.84 -17.17 38.36
CA GLY B 357 40.43 -18.49 38.77
C GLY B 357 39.07 -18.92 38.25
N PHE B 358 38.47 -18.16 37.34
CA PHE B 358 37.10 -18.41 36.92
C PHE B 358 36.96 -19.79 36.29
N GLU B 359 37.70 -20.05 35.22
CA GLU B 359 37.51 -21.29 34.46
C GLU B 359 37.82 -22.51 35.30
N GLN B 360 38.71 -22.37 36.29
CA GLN B 360 38.99 -23.46 37.21
C GLN B 360 37.83 -23.65 38.19
N ARG B 361 37.31 -22.55 38.71
CA ARG B 361 36.20 -22.60 39.66
C ARG B 361 34.96 -23.23 39.04
N VAL B 362 34.71 -22.99 37.74
CA VAL B 362 33.49 -23.45 37.10
C VAL B 362 33.67 -24.75 36.33
N GLU B 363 34.87 -25.33 36.33
CA GLU B 363 35.12 -26.56 35.57
C GLU B 363 34.08 -27.62 35.91
N GLY B 364 33.55 -28.28 34.88
CA GLY B 364 32.48 -29.24 35.05
C GLY B 364 31.10 -28.66 35.17
N LYS B 365 30.98 -27.38 35.53
CA LYS B 365 29.70 -26.70 35.68
C LYS B 365 29.46 -25.64 34.62
N GLY B 366 30.52 -25.04 34.09
CA GLY B 366 30.41 -24.03 33.06
C GLY B 366 31.39 -24.30 31.95
N LEU B 367 30.95 -24.07 30.72
CA LEU B 367 31.78 -24.25 29.54
C LEU B 367 31.81 -22.96 28.74
N ILE B 368 33.02 -22.49 28.42
CA ILE B 368 33.20 -21.34 27.54
C ILE B 368 33.59 -21.89 26.17
N ILE B 369 32.84 -21.52 25.15
CA ILE B 369 33.13 -21.87 23.76
C ILE B 369 33.71 -20.66 23.07
N ARG B 370 34.88 -20.82 22.48
CA ARG B 370 35.61 -19.73 21.85
C ARG B 370 35.27 -19.59 20.38
N GLY B 371 35.05 -20.71 19.69
CA GLY B 371 34.75 -20.71 18.27
C GLY B 371 33.29 -20.56 17.92
N TRP B 372 32.94 -21.07 16.73
CA TRP B 372 31.56 -21.21 16.30
C TRP B 372 30.89 -22.33 17.08
N ALA B 373 29.72 -22.04 17.68
CA ALA B 373 29.08 -23.10 18.44
C ALA B 373 28.01 -23.80 17.61
N PRO B 374 27.74 -25.09 17.87
CA PRO B 374 26.60 -25.78 17.22
C PRO B 374 25.29 -25.40 17.89
N GLN B 375 24.78 -24.21 17.53
CA GLN B 375 23.71 -23.58 18.32
C GLN B 375 22.45 -24.43 18.36
N VAL B 376 21.98 -24.88 17.20
CA VAL B 376 20.70 -25.60 17.17
C VAL B 376 20.83 -26.92 17.94
N LEU B 377 21.95 -27.63 17.77
CA LEU B 377 22.12 -28.89 18.48
C LEU B 377 22.16 -28.67 19.99
N ILE B 378 22.76 -27.57 20.43
CA ILE B 378 22.78 -27.26 21.86
C ILE B 378 21.36 -26.96 22.34
N LEU B 379 20.65 -26.08 21.63
CA LEU B 379 19.32 -25.68 22.07
C LEU B 379 18.37 -26.87 22.14
N GLU B 380 18.50 -27.80 21.20
CA GLU B 380 17.61 -28.95 21.16
C GLU B 380 18.07 -30.08 22.06
N HIS B 381 19.19 -29.92 22.77
CA HIS B 381 19.60 -30.88 23.77
C HIS B 381 18.71 -30.79 25.02
N GLU B 382 18.35 -31.95 25.57
CA GLU B 382 17.45 -31.98 26.72
C GLU B 382 17.98 -31.18 27.92
N ALA B 383 19.29 -31.10 28.08
CA ALA B 383 19.84 -30.41 29.25
C ALA B 383 19.67 -28.89 29.19
N ILE B 384 19.45 -28.32 28.00
CA ILE B 384 19.45 -26.86 27.87
C ILE B 384 18.05 -26.33 28.16
N GLY B 385 17.94 -25.51 29.20
CA GLY B 385 16.65 -25.00 29.62
C GLY B 385 16.41 -23.52 29.42
N ALA B 386 17.41 -22.77 28.95
CA ALA B 386 17.26 -21.33 28.72
C ALA B 386 18.33 -20.85 27.74
N PHE B 387 18.04 -19.71 27.11
CA PHE B 387 18.86 -19.16 26.03
C PHE B 387 19.00 -17.66 26.27
N VAL B 388 20.21 -17.18 26.55
CA VAL B 388 20.50 -15.74 26.58
C VAL B 388 20.86 -15.31 25.16
N THR B 389 20.05 -14.43 24.58
CA THR B 389 20.12 -14.12 23.16
C THR B 389 20.07 -12.61 22.94
N HIS B 390 20.67 -12.17 21.83
CA HIS B 390 20.51 -10.78 21.42
C HIS B 390 19.21 -10.53 20.67
N CYS B 391 18.37 -11.56 20.50
CA CYS B 391 17.07 -11.47 19.84
C CYS B 391 17.20 -11.22 18.34
N GLY B 392 18.32 -11.58 17.73
CA GLY B 392 18.34 -11.74 16.29
C GLY B 392 17.30 -12.76 15.87
N TRP B 393 16.66 -12.52 14.72
CA TRP B 393 15.46 -13.31 14.45
C TRP B 393 15.78 -14.78 14.14
N ASN B 394 16.90 -15.07 13.48
CA ASN B 394 17.24 -16.48 13.28
C ASN B 394 17.46 -17.18 14.63
N SER B 395 18.15 -16.51 15.55
CA SER B 395 18.36 -17.12 16.86
C SER B 395 17.06 -17.24 17.64
N THR B 396 16.23 -16.18 17.62
CA THR B 396 14.96 -16.23 18.33
C THR B 396 14.09 -17.37 17.81
N LEU B 397 14.04 -17.54 16.49
CA LEU B 397 13.28 -18.64 15.90
C LEU B 397 13.84 -19.98 16.31
N GLU B 398 15.16 -20.10 16.41
CA GLU B 398 15.75 -21.36 16.87
C GLU B 398 15.37 -21.65 18.32
N GLY B 399 15.34 -20.61 19.16
CA GLY B 399 14.87 -20.79 20.52
C GLY B 399 13.42 -21.23 20.57
N ILE B 400 12.57 -20.58 19.76
CA ILE B 400 11.16 -20.94 19.68
C ILE B 400 10.99 -22.38 19.22
N THR B 401 11.71 -22.75 18.16
CA THR B 401 11.57 -24.07 17.56
C THR B 401 12.11 -25.17 18.49
N ALA B 402 13.08 -24.83 19.34
CA ALA B 402 13.56 -25.78 20.34
C ALA B 402 12.73 -25.78 21.62
N GLY B 403 11.78 -24.86 21.75
CA GLY B 403 11.00 -24.71 22.97
C GLY B 403 11.80 -24.24 24.17
N VAL B 404 12.74 -23.33 23.98
CA VAL B 404 13.64 -22.88 25.04
C VAL B 404 13.30 -21.44 25.40
N PRO B 405 12.96 -21.15 26.66
CA PRO B 405 12.71 -19.76 27.06
C PRO B 405 13.98 -18.94 26.95
N MET B 406 13.81 -17.63 26.80
CA MET B 406 14.95 -16.79 26.45
C MET B 406 15.09 -15.63 27.41
N VAL B 407 16.34 -15.32 27.77
CA VAL B 407 16.68 -14.03 28.36
C VAL B 407 17.02 -13.11 27.19
N THR B 408 16.30 -12.02 27.09
CA THR B 408 16.42 -11.15 25.93
C THR B 408 17.40 -10.02 26.20
N TRP B 409 18.35 -9.83 25.28
CA TRP B 409 19.43 -8.85 25.43
C TRP B 409 19.60 -8.14 24.10
N PRO B 410 18.60 -7.36 23.69
CA PRO B 410 18.69 -6.72 22.37
C PRO B 410 19.81 -5.70 22.32
N ILE B 411 20.36 -5.53 21.11
CA ILE B 411 21.56 -4.72 20.89
C ILE B 411 21.31 -3.60 19.89
N PHE B 412 20.89 -3.96 18.67
CA PHE B 412 20.63 -2.97 17.62
C PHE B 412 19.67 -3.60 16.61
N ALA B 413 19.64 -3.03 15.40
CA ALA B 413 18.80 -3.50 14.29
C ALA B 413 17.35 -3.52 14.78
N GLU B 414 16.59 -4.57 14.53
CA GLU B 414 15.20 -4.64 14.98
C GLU B 414 15.04 -5.48 16.25
N GLN B 415 16.13 -5.69 16.98
CA GLN B 415 16.13 -6.63 18.10
C GLN B 415 15.24 -6.19 19.25
N PHE B 416 15.03 -4.88 19.46
CA PHE B 416 14.16 -4.45 20.56
C PHE B 416 12.68 -4.76 20.25
N TYR B 417 12.29 -4.76 18.98
CA TYR B 417 10.97 -5.24 18.62
C TYR B 417 10.86 -6.75 18.83
N ASN B 418 11.89 -7.51 18.43
CA ASN B 418 11.85 -8.96 18.67
C ASN B 418 11.78 -9.25 20.16
N GLU B 419 12.45 -8.45 20.99
CA GLU B 419 12.33 -8.61 22.43
C GLU B 419 10.89 -8.42 22.89
N LYS B 420 10.22 -7.39 22.38
CA LYS B 420 8.82 -7.19 22.75
C LYS B 420 7.95 -8.38 22.34
N LEU B 421 8.17 -8.90 21.13
CA LEU B 421 7.42 -10.10 20.72
C LEU B 421 7.64 -11.25 21.70
N VAL B 422 8.91 -11.51 22.04
CA VAL B 422 9.25 -12.65 22.89
C VAL B 422 8.68 -12.48 24.30
N ASN B 423 8.82 -11.28 24.87
CA ASN B 423 8.50 -11.11 26.28
C ASN B 423 7.02 -10.78 26.52
N GLN B 424 6.47 -9.90 25.70
CA GLN B 424 5.14 -9.38 25.92
C GLN B 424 4.05 -10.14 25.17
N ILE B 425 4.35 -10.65 23.98
CA ILE B 425 3.32 -11.31 23.18
C ILE B 425 3.39 -12.82 23.30
N LEU B 426 4.55 -13.42 23.03
CA LEU B 426 4.70 -14.86 23.18
C LEU B 426 4.80 -15.27 24.64
N LYS B 427 5.31 -14.38 25.49
CA LYS B 427 5.51 -14.61 26.93
C LYS B 427 6.42 -15.80 27.19
N ILE B 428 7.55 -15.85 26.47
CA ILE B 428 8.51 -16.92 26.69
C ILE B 428 9.87 -16.38 27.10
N GLY B 429 9.93 -15.15 27.58
CA GLY B 429 11.23 -14.60 27.91
C GLY B 429 11.23 -13.65 29.10
N VAL B 430 12.45 -13.28 29.47
CA VAL B 430 12.69 -12.33 30.56
C VAL B 430 13.73 -11.32 30.07
N PRO B 431 13.48 -10.02 30.20
CA PRO B 431 14.46 -9.03 29.71
C PRO B 431 15.63 -8.91 30.67
N VAL B 432 16.83 -8.75 30.10
CA VAL B 432 17.98 -8.51 30.95
C VAL B 432 18.00 -7.08 31.46
N GLY B 433 17.32 -6.15 30.79
CA GLY B 433 17.30 -4.76 31.17
C GLY B 433 18.05 -3.83 30.23
N ALA B 434 18.62 -4.37 29.15
CA ALA B 434 19.26 -3.54 28.14
C ALA B 434 18.21 -2.74 27.40
N ASN B 435 18.39 -1.42 27.33
CA ASN B 435 17.44 -0.58 26.64
C ASN B 435 18.08 0.44 25.69
N LYS B 436 19.38 0.33 25.42
CA LYS B 436 20.08 1.31 24.58
C LYS B 436 20.43 0.70 23.23
N TRP B 437 19.81 1.23 22.17
CA TRP B 437 20.11 0.81 20.82
C TRP B 437 21.49 1.33 20.39
N SER B 438 22.40 0.43 20.03
CA SER B 438 23.66 0.83 19.40
C SER B 438 24.40 -0.39 18.90
N ARG B 439 25.09 -0.22 17.77
CA ARG B 439 25.94 -1.29 17.24
C ARG B 439 27.04 -1.66 18.22
N GLU B 440 27.79 -0.69 18.70
CA GLU B 440 28.83 -0.91 19.71
C GLU B 440 28.35 -0.41 21.07
N THR B 441 28.85 -1.04 22.12
CA THR B 441 28.50 -0.68 23.49
C THR B 441 29.41 0.42 24.02
N SER B 442 28.82 1.53 24.45
CA SER B 442 29.56 2.52 25.24
C SER B 442 29.72 1.98 26.66
N ILE B 443 30.87 2.29 27.27
CA ILE B 443 31.16 1.70 28.59
C ILE B 443 30.12 2.10 29.63
N GLU B 444 29.49 3.28 29.48
CA GLU B 444 28.48 3.67 30.44
C GLU B 444 27.18 2.88 30.30
N ASP B 445 27.05 2.09 29.24
CA ASP B 445 25.84 1.30 28.99
C ASP B 445 26.04 -0.18 29.30
N VAL B 446 27.16 -0.54 29.94
CA VAL B 446 27.38 -1.94 30.30
C VAL B 446 26.29 -2.39 31.25
N ILE B 447 25.72 -3.55 30.95
CA ILE B 447 24.74 -4.18 31.84
C ILE B 447 25.49 -4.83 33.00
N LYS B 448 25.07 -4.52 34.23
CA LYS B 448 25.86 -4.90 35.40
C LYS B 448 25.47 -6.28 35.92
N LYS B 449 26.40 -6.88 36.67
CA LYS B 449 26.23 -8.25 37.18
C LYS B 449 24.89 -8.46 37.89
N ASP B 450 24.41 -7.48 38.65
CA ASP B 450 23.18 -7.70 39.42
C ASP B 450 21.98 -7.90 38.49
N ALA B 451 21.85 -7.06 37.46
CA ALA B 451 20.77 -7.24 36.49
C ALA B 451 20.89 -8.59 35.79
N ILE B 452 22.10 -8.96 35.37
CA ILE B 452 22.28 -10.21 34.64
C ILE B 452 21.94 -11.40 35.51
N GLU B 453 22.41 -11.39 36.76
CA GLU B 453 22.13 -12.50 37.68
C GLU B 453 20.64 -12.62 37.94
N LYS B 454 19.96 -11.48 38.14
CA LYS B 454 18.52 -11.51 38.35
C LYS B 454 17.82 -12.21 37.19
N ALA B 455 18.22 -11.89 35.96
CA ALA B 455 17.61 -12.52 34.79
C ALA B 455 17.93 -14.01 34.70
N LEU B 456 19.19 -14.40 34.95
CA LEU B 456 19.54 -15.82 34.87
C LEU B 456 18.74 -16.64 35.89
N ARG B 457 18.61 -16.10 37.09
CA ARG B 457 17.83 -16.79 38.11
C ARG B 457 16.36 -16.85 37.71
N GLU B 458 15.81 -15.74 37.23
CA GLU B 458 14.39 -15.72 36.87
C GLU B 458 14.07 -16.70 35.74
N ILE B 459 14.95 -16.79 34.73
CA ILE B 459 14.63 -17.67 33.59
C ILE B 459 14.75 -19.13 34.00
N MET B 460 15.51 -19.43 35.05
CA MET B 460 15.59 -20.83 35.48
C MET B 460 14.61 -21.20 36.59
N VAL B 461 14.47 -20.38 37.63
CA VAL B 461 13.73 -20.78 38.83
C VAL B 461 12.70 -19.74 39.27
N GLY B 462 12.48 -18.70 38.48
CA GLY B 462 11.46 -17.73 38.83
C GLY B 462 10.09 -18.37 38.93
N ASP B 463 9.15 -17.61 39.50
CA ASP B 463 7.81 -18.14 39.71
C ASP B 463 7.13 -18.56 38.41
N GLU B 464 7.32 -17.80 37.34
CA GLU B 464 6.71 -18.12 36.06
C GLU B 464 7.64 -18.87 35.09
N ALA B 465 8.79 -19.37 35.57
CA ALA B 465 9.75 -20.03 34.67
C ALA B 465 9.15 -21.28 34.00
N GLU B 466 8.44 -22.10 34.78
CA GLU B 466 7.83 -23.30 34.21
C GLU B 466 6.73 -22.95 33.23
N GLU B 467 5.98 -21.87 33.51
CA GLU B 467 4.94 -21.42 32.60
C GLU B 467 5.53 -20.97 31.28
N ARG B 468 6.67 -20.29 31.32
CA ARG B 468 7.37 -19.92 30.09
C ARG B 468 7.83 -21.16 29.32
N ARG B 469 8.37 -22.15 30.03
CA ARG B 469 8.79 -23.37 29.34
C ARG B 469 7.61 -24.06 28.67
N SER B 470 6.47 -24.10 29.35
CA SER B 470 5.29 -24.73 28.75
C SER B 470 4.81 -23.95 27.54
N ARG B 471 4.79 -22.62 27.60
CA ARG B 471 4.39 -21.84 26.44
C ARG B 471 5.35 -22.07 25.27
N ALA B 472 6.64 -22.16 25.54
CA ALA B 472 7.61 -22.37 24.47
C ALA B 472 7.46 -23.74 23.84
N LYS B 473 7.07 -24.74 24.63
CA LYS B 473 6.88 -26.09 24.10
C LYS B 473 5.72 -26.13 23.12
N LYS B 474 4.64 -25.40 23.41
CA LYS B 474 3.53 -25.29 22.47
C LYS B 474 4.00 -24.70 21.15
N LEU B 475 4.77 -23.61 21.21
CA LEU B 475 5.24 -22.97 19.99
C LEU B 475 6.14 -23.89 19.19
N LYS B 476 6.98 -24.67 19.87
CA LYS B 476 7.79 -25.69 19.18
C LYS B 476 6.92 -26.62 18.35
N GLU B 477 5.88 -27.19 18.99
CA GLU B 477 4.99 -28.09 18.25
C GLU B 477 4.33 -27.38 17.08
N MET B 478 3.88 -26.14 17.30
N MET B 478 3.90 -26.14 17.28
CA MET B 478 3.23 -25.39 16.23
CA MET B 478 3.22 -25.46 16.18
C MET B 478 4.20 -25.05 15.10
C MET B 478 4.20 -25.05 15.07
N ALA B 479 5.47 -24.80 15.42
CA ALA B 479 6.45 -24.49 14.38
C ALA B 479 6.67 -25.68 13.46
N TRP B 480 6.88 -26.86 14.05
CA TRP B 480 7.05 -28.05 13.22
C TRP B 480 5.77 -28.35 12.44
N LYS B 481 4.60 -28.14 13.06
CA LYS B 481 3.33 -28.36 12.36
C LYS B 481 3.19 -27.43 11.16
N ALA B 482 3.68 -26.19 11.29
CA ALA B 482 3.50 -25.20 10.23
C ALA B 482 4.20 -25.59 8.95
N VAL B 483 5.36 -26.23 9.04
CA VAL B 483 6.17 -26.45 7.85
C VAL B 483 5.90 -27.80 7.20
N GLU B 484 5.30 -28.73 7.92
CA GLU B 484 4.94 -30.02 7.36
C GLU B 484 3.70 -29.90 6.47
N GLU B 485 3.54 -30.86 5.56
CA GLU B 485 2.39 -30.86 4.66
C GLU B 485 1.10 -30.66 5.46
N GLY B 486 0.20 -29.84 4.91
CA GLY B 486 -0.98 -29.43 5.62
C GLY B 486 -0.78 -28.27 6.57
N GLY B 487 0.48 -27.86 6.84
CA GLY B 487 0.74 -26.73 7.71
C GLY B 487 0.57 -25.39 7.01
N SER B 488 0.47 -24.34 7.84
CA SER B 488 0.24 -22.99 7.32
C SER B 488 1.39 -22.52 6.41
N SER B 489 2.63 -22.86 6.77
CA SER B 489 3.77 -22.38 5.99
C SER B 489 3.93 -23.18 4.69
N TYR B 490 3.80 -24.50 4.79
CA TYR B 490 3.70 -25.36 3.61
C TYR B 490 2.64 -24.85 2.64
N SER B 491 1.44 -24.55 3.16
CA SER B 491 0.33 -24.12 2.31
C SER B 491 0.61 -22.75 1.69
N ASP B 492 1.18 -21.81 2.46
CA ASP B 492 1.49 -20.51 1.87
C ASP B 492 2.57 -20.63 0.80
N LEU B 493 3.51 -21.54 0.97
CA LEU B 493 4.50 -21.73 -0.08
C LEU B 493 3.85 -22.31 -1.34
N SER B 494 2.97 -23.31 -1.18
CA SER B 494 2.23 -23.83 -2.32
C SER B 494 1.45 -22.71 -3.03
N ALA B 495 0.75 -21.89 -2.24
CA ALA B 495 -0.04 -20.79 -2.81
C ALA B 495 0.83 -19.82 -3.58
N LEU B 496 1.96 -19.41 -3.01
CA LEU B 496 2.85 -18.48 -3.69
C LEU B 496 3.32 -19.06 -5.01
N ILE B 497 3.72 -20.33 -5.01
CA ILE B 497 4.23 -20.93 -6.24
C ILE B 497 3.15 -20.97 -7.31
N GLU B 498 1.93 -21.38 -6.93
CA GLU B 498 0.82 -21.37 -7.89
C GLU B 498 0.58 -19.97 -8.42
N GLU B 499 0.64 -18.96 -7.55
CA GLU B 499 0.43 -17.59 -7.99
C GLU B 499 1.51 -17.15 -8.97
N LEU B 500 2.75 -17.56 -8.72
CA LEU B 500 3.83 -17.24 -9.65
C LEU B 500 3.65 -17.95 -10.97
N ARG B 501 3.12 -19.18 -10.94
CA ARG B 501 2.96 -19.95 -12.18
C ARG B 501 1.91 -19.32 -13.09
N GLY B 502 0.95 -18.59 -12.53
CA GLY B 502 -0.10 -17.97 -13.33
C GLY B 502 0.10 -16.49 -13.60
N TYR B 503 1.25 -15.92 -13.24
CA TYR B 503 1.47 -14.49 -13.38
C TYR B 503 1.75 -14.13 -14.84
N HIS B 504 1.01 -13.16 -15.37
CA HIS B 504 1.32 -12.61 -16.69
C HIS B 504 0.96 -11.13 -16.70
N ALA B 505 1.73 -10.38 -17.52
CA ALA B 505 1.63 -8.93 -17.83
C ALA B 505 2.87 -8.21 -17.31
#